data_4GTQ
#
_entry.id   4GTQ
#
_cell.length_a   172.397
_cell.length_b   172.397
_cell.length_c   69.781
_cell.angle_alpha   90.00
_cell.angle_beta   90.00
_cell.angle_gamma   120.00
#
_symmetry.space_group_name_H-M   'P 61'
#
loop_
_entity.id
_entity.type
_entity.pdbx_description
1 polymer 'Protein farnesyltransferase/geranylgeranyltransferase type-1 subunit alpha'
2 polymer 'Protein farnesyltransferase subunit beta'
3 non-polymer 'ZINC ION'
4 non-polymer 'FARNESYL DIPHOSPHATE'
5 non-polymer '4-({(3R)-7-cyano-4-[(4-methoxyphenyl)sulfonyl]-1-[(1-methyl-1H-imidazol-5-yl)methyl]-2,3,4,5-tetrahydro-1H-1,4-benzodiazepin-3-yl}methyl)phenyl benzylcarbamate'
6 water water
#
loop_
_entity_poly.entity_id
_entity_poly.type
_entity_poly.pdbx_seq_one_letter_code
_entity_poly.pdbx_strand_id
1 'polypeptide(L)'
;MAATEGVGESAPGGEPGQPEQPPPPPPPPPAQQPQEEEMAAEAGEAAASPMDDGFLSLDSPTYVLYRDRAEWADIDPVPQ
NDGPSPVVQIIYSEKFRDVYDYFRAVLQRDERSERAFKLTRDAIELNAANYTVWHFRRVLLRSLQKDLQEEMNYIIAIIE
EQPKNYQVWHHRRVLVEWLKDPSQELEFIADILNQDAKNYHAWQHRQWVIQEFRLWDNELQYVDQLLKEDVRNNSVWNQR
HFVISNTTGYSDRAVLEREVQYTLEMIKLVPHNESAWNYLKGILQDRGLSRYPNLLNQLLDLQPSHSSPYLIAFLVDIYE
DMLENQCDNKEDILNKALELCEILAKEKDTIRKEYWRYIGRSLQSKHSRESDIPASV
;
A
2 'polypeptide(L)'
;MASSSSFTYYCPPSSSPVWSEPLYSLRPEHARERLQDDSVETVTSIEQAKVEEKIQEVFSSYKFNHLVPRLVLQREKHFH
YLKRGLRQLTDAYECLDASRPWLCYWILHSLELLDEPIPQIVATDVCQFLELCQSPDGGFGGGPGQYPHLAPTYAAVNAL
CIIGTEEAYNVINREKLLQYLYSLKQPDGSFLMHVGGEVDVRSAYCAASVASLTNIITPDLFEGTAEWIARCQNWEGGIG
GVPGMEAHGGYTFCGLAALVILKKERSLNLKSLLQWVTSRQMRFEGGFQGRCNKLVDGCYSFWQAGLLPLLHRALHAQGD
PALSMSHWMFHQQALQEYILMCCQCPAGGLLDKPGKSRDFYHTCYCLSGLSIAQHFGSGAMLHDVVMGVPENVLQPTHPV
YNIGPDKVIQATTHFLQKPVPGFEECE
;
B
#
loop_
_chem_comp.id
_chem_comp.type
_chem_comp.name
_chem_comp.formula
7TQ non-polymer '4-({(3R)-7-cyano-4-[(4-methoxyphenyl)sulfonyl]-1-[(1-methyl-1H-imidazol-5-yl)methyl]-2,3,4,5-tetrahydro-1H-1,4-benzodiazepin-3-yl}methyl)phenyl benzylcarbamate' 'C37 H36 N6 O5 S'
FPP non-polymer 'FARNESYL DIPHOSPHATE' 'C15 H28 O7 P2'
ZN non-polymer 'ZINC ION' 'Zn 2'
#
# COMPACT_ATOMS: atom_id res chain seq x y z
N PHE A 55 32.76 -8.72 14.38
CA PHE A 55 33.90 -8.85 15.36
C PHE A 55 33.59 -8.21 16.73
N LEU A 56 33.19 -6.94 16.76
CA LEU A 56 32.65 -6.36 17.97
C LEU A 56 31.19 -6.01 17.79
N SER A 57 30.31 -6.75 18.42
CA SER A 57 28.89 -6.56 18.26
C SER A 57 28.34 -5.28 18.87
N LEU A 58 27.30 -4.73 18.23
CA LEU A 58 26.68 -3.49 18.67
C LEU A 58 26.05 -3.61 20.04
N ASP A 59 25.74 -4.84 20.45
CA ASP A 59 25.14 -5.10 21.79
C ASP A 59 26.08 -5.75 22.82
N SER A 60 27.33 -5.97 22.42
CA SER A 60 28.38 -6.35 23.33
C SER A 60 28.57 -5.34 24.47
N PRO A 61 28.71 -5.84 25.71
CA PRO A 61 29.01 -4.88 26.78
C PRO A 61 30.34 -4.17 26.61
N THR A 62 31.13 -4.68 25.71
CA THR A 62 32.44 -4.21 25.45
C THR A 62 32.52 -3.33 24.21
N TYR A 63 31.38 -3.05 23.60
CA TYR A 63 31.27 -2.13 22.47
C TYR A 63 31.88 -0.78 22.85
N VAL A 64 32.58 -0.18 21.89
CA VAL A 64 33.34 1.04 22.02
C VAL A 64 33.03 1.90 20.77
N LEU A 65 32.75 3.19 20.92
CA LEU A 65 32.50 4.04 19.78
C LEU A 65 33.72 4.08 18.85
N TYR A 66 33.45 4.28 17.56
CA TYR A 66 34.50 4.26 16.55
C TYR A 66 35.47 5.40 16.83
N ARG A 67 34.94 6.49 17.38
CA ARG A 67 35.80 7.63 17.72
C ARG A 67 36.82 7.30 18.84
N ASP A 68 36.61 6.20 19.59
CA ASP A 68 37.55 5.72 20.63
C ASP A 68 38.35 4.45 20.21
N ARG A 69 38.30 4.07 18.93
CA ARG A 69 39.08 2.92 18.44
C ARG A 69 40.31 3.40 17.70
N ALA A 70 41.44 2.82 18.09
CA ALA A 70 42.76 3.24 17.66
C ALA A 70 42.90 3.03 16.16
N GLU A 71 42.44 1.85 15.69
CA GLU A 71 42.53 1.51 14.27
C GLU A 71 41.64 2.35 13.34
N TRP A 72 40.98 3.38 13.89
CA TRP A 72 40.25 4.37 13.14
C TRP A 72 40.78 5.78 13.34
N ALA A 73 41.93 5.87 14.02
CA ALA A 73 42.57 7.18 14.36
C ALA A 73 43.00 8.01 13.16
N ASP A 74 43.33 7.36 12.05
CA ASP A 74 43.77 8.08 10.87
C ASP A 74 42.66 8.76 10.08
N ILE A 75 41.40 8.48 10.40
CA ILE A 75 40.30 9.02 9.62
C ILE A 75 39.48 9.98 10.47
N ASP A 76 39.16 11.11 9.88
CA ASP A 76 38.35 12.12 10.53
C ASP A 76 36.90 11.83 10.14
N PRO A 77 36.03 11.69 11.12
CA PRO A 77 34.64 11.44 10.83
C PRO A 77 34.00 12.59 10.09
N VAL A 78 32.90 12.34 9.41
CA VAL A 78 32.24 13.39 8.66
C VAL A 78 30.85 13.62 9.22
N PRO A 79 30.65 14.74 9.93
CA PRO A 79 29.35 15.13 10.52
C PRO A 79 28.26 15.30 9.50
N GLN A 80 27.03 15.03 9.91
CA GLN A 80 25.93 15.19 8.99
C GLN A 80 25.73 16.66 8.68
N ASN A 81 25.70 16.92 7.38
CA ASN A 81 25.49 18.24 6.84
C ASN A 81 23.97 18.53 6.78
N ASP A 82 23.40 19.05 7.88
CA ASP A 82 21.95 19.36 7.97
C ASP A 82 21.64 20.84 7.76
N GLY A 83 22.68 21.66 7.63
CA GLY A 83 22.49 23.08 7.36
C GLY A 83 22.37 23.94 8.61
N PRO A 84 22.39 25.26 8.44
CA PRO A 84 22.22 26.19 9.57
C PRO A 84 20.90 25.96 10.34
N SER A 85 19.83 25.64 9.63
CA SER A 85 18.50 25.51 10.22
C SER A 85 17.77 24.24 9.83
N PRO A 86 17.98 23.18 10.57
CA PRO A 86 17.41 21.87 10.22
C PRO A 86 15.90 21.71 10.34
N VAL A 87 15.30 20.92 9.45
CA VAL A 87 13.93 20.43 9.65
C VAL A 87 14.00 18.92 9.86
N VAL A 88 12.93 18.36 10.44
CA VAL A 88 12.83 16.93 10.62
C VAL A 88 14.20 16.33 11.05
N GLN A 89 14.82 17.01 12.02
CA GLN A 89 16.09 16.62 12.58
C GLN A 89 15.92 15.53 13.62
N ILE A 90 16.64 14.44 13.43
CA ILE A 90 16.53 13.29 14.32
C ILE A 90 17.61 13.43 15.42
N ILE A 91 17.21 13.35 16.67
CA ILE A 91 18.16 13.38 17.76
C ILE A 91 18.70 11.99 17.92
N TYR A 92 19.65 11.68 17.08
CA TYR A 92 20.20 10.36 17.07
C TYR A 92 20.84 10.03 18.41
N SER A 93 20.79 8.75 18.76
CA SER A 93 21.65 8.23 19.83
C SER A 93 23.14 8.38 19.47
N GLU A 94 23.96 8.37 20.50
CA GLU A 94 25.38 8.57 20.37
C GLU A 94 26.01 7.47 19.53
N LYS A 95 25.57 6.25 19.74
CA LYS A 95 26.04 5.05 19.03
C LYS A 95 25.77 5.22 17.52
N PHE A 96 24.53 5.59 17.20
CA PHE A 96 24.07 5.76 15.86
C PHE A 96 24.90 6.82 15.12
N ARG A 97 24.95 8.00 15.74
CA ARG A 97 25.61 9.13 15.13
C ARG A 97 27.09 8.88 14.92
N ASP A 98 27.74 8.25 15.91
CA ASP A 98 29.10 7.77 15.78
C ASP A 98 29.27 6.86 14.56
N VAL A 99 28.41 5.85 14.42
CA VAL A 99 28.58 4.92 13.30
C VAL A 99 28.45 5.67 11.98
N TYR A 100 27.43 6.50 11.87
CA TYR A 100 27.14 7.10 10.59
C TYR A 100 28.13 8.21 10.22
N ASP A 101 28.65 8.92 11.23
CA ASP A 101 29.73 9.88 11.03
C ASP A 101 30.89 9.13 10.38
N TYR A 102 31.18 7.92 10.84
CA TYR A 102 32.30 7.16 10.26
C TYR A 102 31.94 6.58 8.92
N PHE A 103 30.66 6.18 8.75
CA PHE A 103 30.25 5.71 7.45
C PHE A 103 30.37 6.77 6.36
N ARG A 104 30.03 8.02 6.69
CA ARG A 104 30.11 9.08 5.72
C ARG A 104 31.56 9.30 5.34
N ALA A 105 32.43 9.23 6.33
CA ALA A 105 33.85 9.35 6.07
C ALA A 105 34.27 8.28 5.05
N VAL A 106 34.06 7.00 5.31
CA VAL A 106 34.52 6.00 4.35
C VAL A 106 33.83 6.12 2.97
N LEU A 107 32.59 6.61 2.94
CA LEU A 107 31.85 6.71 1.68
C LEU A 107 32.45 7.82 0.85
N GLN A 108 32.73 8.95 1.49
CA GLN A 108 33.36 10.08 0.80
C GLN A 108 34.72 9.76 0.21
N ARG A 109 35.58 9.11 0.96
CA ARG A 109 36.87 8.70 0.46
C ARG A 109 36.77 7.50 -0.49
N ASP A 110 35.59 6.88 -0.54
CA ASP A 110 35.41 5.63 -1.26
C ASP A 110 36.48 4.63 -0.87
N GLU A 111 36.61 4.46 0.44
CA GLU A 111 37.52 3.48 1.01
C GLU A 111 36.96 2.06 0.89
N ARG A 112 37.65 1.25 0.10
CA ARG A 112 37.21 -0.10 -0.16
C ARG A 112 37.95 -1.06 0.73
N SER A 113 37.91 -0.87 2.04
CA SER A 113 38.70 -1.70 2.97
C SER A 113 37.86 -2.66 3.79
N GLU A 114 38.56 -3.60 4.41
CA GLU A 114 37.97 -4.59 5.29
C GLU A 114 37.31 -3.95 6.51
N ARG A 115 37.93 -2.90 7.03
CA ARG A 115 37.33 -2.13 8.09
C ARG A 115 36.03 -1.38 7.64
N ALA A 116 35.98 -0.91 6.42
CA ALA A 116 34.77 -0.26 5.94
C ALA A 116 33.65 -1.31 5.91
N PHE A 117 34.01 -2.52 5.49
CA PHE A 117 33.04 -3.57 5.34
C PHE A 117 32.36 -3.88 6.67
N LYS A 118 33.16 -4.00 7.71
CA LYS A 118 32.61 -4.32 9.04
C LYS A 118 31.72 -3.23 9.58
N LEU A 119 32.11 -1.99 9.29
CA LEU A 119 31.36 -0.83 9.60
C LEU A 119 29.97 -0.79 8.90
N THR A 120 29.88 -1.20 7.63
CA THR A 120 28.59 -1.19 6.95
C THR A 120 27.69 -2.14 7.71
N ARG A 121 28.29 -3.11 8.36
CA ARG A 121 27.46 -4.02 9.04
C ARG A 121 26.76 -3.36 10.19
N ASP A 122 27.50 -2.57 10.96
CA ASP A 122 26.92 -1.86 12.09
C ASP A 122 25.96 -0.80 11.62
N ALA A 123 26.20 -0.21 10.44
CA ALA A 123 25.34 0.86 9.96
C ALA A 123 23.99 0.28 9.54
N ILE A 124 24.03 -0.92 8.94
CA ILE A 124 22.85 -1.66 8.60
C ILE A 124 22.08 -2.03 9.85
N GLU A 125 22.79 -2.50 10.85
CA GLU A 125 22.08 -2.97 12.02
C GLU A 125 21.30 -1.84 12.70
N LEU A 126 21.86 -0.64 12.66
CA LEU A 126 21.22 0.55 13.22
C LEU A 126 20.08 1.10 12.39
N ASN A 127 20.16 0.90 11.06
CA ASN A 127 19.07 1.30 10.14
C ASN A 127 19.13 0.48 8.89
N ALA A 128 18.40 -0.64 8.89
CA ALA A 128 18.53 -1.62 7.81
C ALA A 128 17.84 -1.12 6.56
N ALA A 129 17.08 -0.03 6.67
CA ALA A 129 16.41 0.61 5.50
C ALA A 129 17.33 1.58 4.71
N ASN A 130 18.55 1.82 5.18
CA ASN A 130 19.44 2.72 4.49
C ASN A 130 20.04 2.11 3.25
N TYR A 131 19.46 2.40 2.12
CA TYR A 131 19.87 1.76 0.84
C TYR A 131 21.27 2.21 0.31
N THR A 132 21.74 3.42 0.69
CA THR A 132 23.10 3.86 0.41
C THR A 132 24.10 2.94 1.10
N VAL A 133 23.85 2.51 2.33
CA VAL A 133 24.80 1.60 3.00
C VAL A 133 24.87 0.24 2.28
N TRP A 134 23.71 -0.32 1.95
CA TRP A 134 23.67 -1.57 1.23
C TRP A 134 24.46 -1.52 -0.11
N HIS A 135 24.27 -0.44 -0.86
CA HIS A 135 24.92 -0.32 -2.14
C HIS A 135 26.42 -0.33 -1.95
N PHE A 136 26.88 0.41 -0.96
CA PHE A 136 28.29 0.44 -0.65
C PHE A 136 28.77 -0.93 -0.24
N ARG A 137 27.97 -1.64 0.53
CA ARG A 137 28.34 -2.99 0.96
C ARG A 137 28.49 -3.90 -0.24
N ARG A 138 27.54 -3.85 -1.15
CA ARG A 138 27.67 -4.60 -2.39
C ARG A 138 28.91 -4.18 -3.20
N VAL A 139 29.24 -2.89 -3.24
CA VAL A 139 30.52 -2.50 -3.82
C VAL A 139 31.72 -3.19 -3.13
N LEU A 140 31.70 -3.26 -1.80
CA LEU A 140 32.82 -3.85 -1.07
C LEU A 140 32.83 -5.39 -1.20
N LEU A 141 31.66 -6.02 -1.25
CA LEU A 141 31.60 -7.46 -1.49
C LEU A 141 32.36 -7.79 -2.79
N ARG A 142 32.18 -7.02 -3.81
CA ARG A 142 32.92 -7.26 -5.02
C ARG A 142 34.38 -6.87 -4.97
N SER A 143 34.71 -5.68 -4.50
CA SER A 143 36.14 -5.25 -4.56
C SER A 143 37.02 -6.06 -3.66
N LEU A 144 36.53 -6.39 -2.48
CA LEU A 144 37.29 -7.22 -1.57
C LEU A 144 37.23 -8.70 -1.94
N GLN A 145 36.41 -9.10 -2.91
CA GLN A 145 36.24 -10.53 -3.18
C GLN A 145 35.79 -11.30 -1.95
N LYS A 146 34.79 -10.82 -1.24
CA LYS A 146 34.36 -11.52 -0.07
C LYS A 146 33.67 -12.81 -0.47
N ASP A 147 33.76 -13.79 0.41
CA ASP A 147 33.12 -15.06 0.22
C ASP A 147 31.60 -14.83 0.31
N LEU A 148 30.94 -15.11 -0.80
CA LEU A 148 29.51 -14.84 -0.90
C LEU A 148 28.71 -15.84 -0.13
N GLN A 149 29.30 -16.92 0.29
CA GLN A 149 28.55 -17.89 1.03
C GLN A 149 28.50 -17.50 2.50
N GLU A 150 29.52 -16.83 2.99
CA GLU A 150 29.48 -16.28 4.32
C GLU A 150 28.47 -15.13 4.35
N GLU A 151 28.44 -14.40 3.26
CA GLU A 151 27.54 -13.29 3.12
C GLU A 151 26.09 -13.77 3.00
N MET A 152 25.84 -14.94 2.38
CA MET A 152 24.50 -15.57 2.45
C MET A 152 24.12 -15.91 3.86
N ASN A 153 25.05 -16.49 4.62
CA ASN A 153 24.78 -16.80 6.03
C ASN A 153 24.34 -15.57 6.78
N TYR A 154 25.06 -14.46 6.55
CA TYR A 154 24.75 -13.19 7.20
C TYR A 154 23.34 -12.67 6.92
N ILE A 155 22.92 -12.67 5.65
CA ILE A 155 21.62 -12.14 5.25
C ILE A 155 20.46 -13.01 5.78
N ILE A 156 20.70 -14.28 5.90
CA ILE A 156 19.79 -15.18 6.53
C ILE A 156 19.50 -14.85 7.97
N ALA A 157 20.52 -14.53 8.73
CA ALA A 157 20.39 -14.06 10.11
C ALA A 157 19.62 -12.73 10.18
N ILE A 158 19.89 -11.81 9.27
CA ILE A 158 19.26 -10.48 9.35
C ILE A 158 17.81 -10.46 8.90
N ILE A 159 17.49 -11.28 7.90
CA ILE A 159 16.11 -11.48 7.45
C ILE A 159 15.35 -12.16 8.56
N GLU A 160 15.92 -13.19 9.18
CA GLU A 160 15.21 -13.78 10.33
C GLU A 160 14.77 -12.66 11.26
N GLU A 161 15.68 -11.74 11.56
CA GLU A 161 15.38 -10.65 12.49
C GLU A 161 14.49 -9.54 12.00
N GLN A 162 14.57 -9.20 10.71
CA GLN A 162 13.83 -8.05 10.17
C GLN A 162 13.21 -8.50 8.88
N PRO A 163 12.23 -9.39 9.00
CA PRO A 163 11.71 -9.95 7.77
C PRO A 163 10.88 -8.98 6.94
N LYS A 164 10.51 -7.82 7.49
CA LYS A 164 9.57 -6.94 6.81
C LYS A 164 10.24 -5.77 6.11
N ASN A 165 11.52 -5.91 5.77
CA ASN A 165 12.27 -4.80 5.17
C ASN A 165 12.63 -5.18 3.72
N TYR A 166 12.43 -4.29 2.77
CA TYR A 166 12.68 -4.66 1.36
CA TYR A 166 12.70 -4.56 1.33
C TYR A 166 14.16 -4.89 1.13
N GLN A 167 14.96 -4.04 1.72
CA GLN A 167 16.36 -3.98 1.40
C GLN A 167 17.07 -5.29 1.61
N VAL A 168 16.71 -6.05 2.66
CA VAL A 168 17.41 -7.28 2.97
C VAL A 168 17.06 -8.35 1.96
N TRP A 169 15.82 -8.38 1.51
CA TRP A 169 15.40 -9.35 0.52
C TRP A 169 16.02 -9.01 -0.81
N HIS A 170 16.08 -7.73 -1.16
CA HIS A 170 16.74 -7.35 -2.42
C HIS A 170 18.20 -7.82 -2.38
N HIS A 171 18.88 -7.60 -1.25
CA HIS A 171 20.25 -8.05 -1.07
C HIS A 171 20.40 -9.54 -1.35
N ARG A 172 19.51 -10.34 -0.76
CA ARG A 172 19.56 -11.78 -0.94
C ARG A 172 19.40 -12.18 -2.43
N ARG A 173 18.52 -11.47 -3.11
CA ARG A 173 18.26 -11.71 -4.52
C ARG A 173 19.57 -11.46 -5.30
N VAL A 174 20.22 -10.34 -5.02
CA VAL A 174 21.49 -10.05 -5.70
C VAL A 174 22.49 -11.15 -5.44
N LEU A 175 22.50 -11.70 -4.21
CA LEU A 175 23.45 -12.80 -3.90
C LEU A 175 23.15 -14.07 -4.71
N VAL A 176 21.88 -14.52 -4.70
CA VAL A 176 21.47 -15.69 -5.49
C VAL A 176 21.75 -15.48 -6.99
N GLU A 177 21.43 -14.29 -7.53
CA GLU A 177 21.87 -13.94 -8.90
C GLU A 177 23.38 -14.07 -9.07
N TRP A 178 24.21 -13.59 -8.13
CA TRP A 178 25.70 -13.64 -8.37
C TRP A 178 26.24 -15.07 -8.36
N LEU A 179 25.77 -15.84 -7.38
CA LEU A 179 26.11 -17.24 -7.15
C LEU A 179 25.39 -18.26 -8.09
N LYS A 180 24.31 -17.80 -8.71
CA LYS A 180 23.37 -18.63 -9.42
C LYS A 180 23.01 -19.86 -8.64
N ASP A 181 22.64 -19.72 -7.39
CA ASP A 181 22.41 -20.91 -6.57
C ASP A 181 21.17 -20.77 -5.70
N PRO A 182 20.07 -21.39 -6.12
CA PRO A 182 18.83 -21.31 -5.40
C PRO A 182 18.65 -22.42 -4.42
N SER A 183 19.69 -23.21 -4.17
CA SER A 183 19.48 -24.46 -3.48
C SER A 183 18.93 -24.27 -2.09
N GLN A 184 19.18 -23.12 -1.47
CA GLN A 184 18.73 -22.95 -0.10
C GLN A 184 17.39 -22.19 0.00
N GLU A 185 16.90 -21.66 -1.11
CA GLU A 185 15.88 -20.63 -1.05
C GLU A 185 14.56 -21.15 -0.60
N LEU A 186 14.07 -22.23 -1.20
CA LEU A 186 12.73 -22.72 -0.88
C LEU A 186 12.60 -23.07 0.61
N GLU A 187 13.66 -23.61 1.16
CA GLU A 187 13.67 -24.04 2.55
C GLU A 187 13.88 -22.85 3.51
N PHE A 188 14.72 -21.90 3.12
CA PHE A 188 14.84 -20.66 3.87
C PHE A 188 13.50 -19.94 3.89
N ILE A 189 12.94 -19.64 2.72
CA ILE A 189 11.66 -18.91 2.65
C ILE A 189 10.58 -19.61 3.49
N ALA A 190 10.52 -20.94 3.42
CA ALA A 190 9.55 -21.72 4.19
C ALA A 190 9.68 -21.55 5.70
N ASP A 191 10.88 -21.33 6.20
CA ASP A 191 11.03 -21.05 7.62
C ASP A 191 10.51 -19.65 8.02
N ILE A 192 10.76 -18.63 7.17
CA ILE A 192 10.24 -17.28 7.43
C ILE A 192 8.73 -17.33 7.44
N LEU A 193 8.16 -18.05 6.46
CA LEU A 193 6.69 -18.21 6.32
C LEU A 193 6.10 -19.07 7.39
N ASN A 194 6.91 -19.91 8.00
CA ASN A 194 6.53 -20.58 9.22
C ASN A 194 6.31 -19.57 10.33
N GLN A 195 7.00 -18.43 10.32
CA GLN A 195 6.81 -17.42 11.39
C GLN A 195 5.78 -16.37 11.06
N ASP A 196 5.68 -15.95 9.80
CA ASP A 196 4.58 -15.07 9.32
C ASP A 196 4.17 -15.56 7.96
N ALA A 197 3.06 -16.27 7.93
CA ALA A 197 2.62 -16.96 6.72
C ALA A 197 2.16 -16.00 5.58
N LYS A 198 2.08 -14.70 5.88
CA LYS A 198 1.60 -13.72 4.95
C LYS A 198 2.62 -12.67 4.55
N ASN A 199 3.88 -12.85 4.98
CA ASN A 199 4.95 -11.88 4.66
C ASN A 199 5.11 -11.63 3.15
N TYR A 200 4.75 -10.41 2.75
CA TYR A 200 4.66 -10.08 1.34
C TYR A 200 6.01 -10.30 0.64
N HIS A 201 7.09 -9.80 1.23
CA HIS A 201 8.42 -9.92 0.63
C HIS A 201 8.81 -11.39 0.49
N ALA A 202 8.44 -12.22 1.48
CA ALA A 202 8.78 -13.63 1.43
C ALA A 202 8.11 -14.32 0.20
N TRP A 203 6.83 -14.03 -0.02
CA TRP A 203 6.10 -14.63 -1.16
C TRP A 203 6.68 -14.15 -2.47
N GLN A 204 7.06 -12.88 -2.52
CA GLN A 204 7.63 -12.28 -3.71
C GLN A 204 8.95 -12.93 -4.00
N HIS A 205 9.76 -13.17 -2.97
CA HIS A 205 11.03 -13.78 -3.17
C HIS A 205 10.86 -15.21 -3.69
N ARG A 206 9.90 -15.90 -3.10
CA ARG A 206 9.52 -17.26 -3.53
C ARG A 206 9.03 -17.30 -5.01
N GLN A 207 8.11 -16.40 -5.36
CA GLN A 207 7.71 -16.36 -6.76
C GLN A 207 8.95 -16.15 -7.62
N TRP A 208 9.80 -15.21 -7.24
CA TRP A 208 10.94 -14.90 -8.10
C TRP A 208 11.85 -16.11 -8.31
N VAL A 209 12.12 -16.82 -7.22
CA VAL A 209 13.01 -17.97 -7.26
C VAL A 209 12.41 -19.10 -8.08
N ILE A 210 11.09 -19.33 -7.94
CA ILE A 210 10.42 -20.41 -8.68
C ILE A 210 10.44 -20.14 -10.20
N GLN A 211 10.17 -18.90 -10.55
CA GLN A 211 10.16 -18.50 -11.92
C GLN A 211 11.51 -18.52 -12.58
N GLU A 212 12.50 -17.94 -11.94
CA GLU A 212 13.79 -17.70 -12.56
C GLU A 212 14.62 -18.98 -12.66
N PHE A 213 14.34 -19.93 -11.79
CA PHE A 213 15.06 -21.19 -11.76
C PHE A 213 14.16 -22.38 -12.05
N ARG A 214 12.96 -22.14 -12.54
CA ARG A 214 12.02 -23.20 -12.83
C ARG A 214 11.87 -24.27 -11.78
N LEU A 215 11.49 -23.91 -10.58
CA LEU A 215 11.38 -24.91 -9.50
C LEU A 215 9.93 -25.14 -9.10
N TRP A 216 9.14 -25.53 -10.09
CA TRP A 216 7.70 -25.61 -9.96
C TRP A 216 7.18 -26.94 -9.34
N ASP A 217 8.00 -27.98 -9.41
CA ASP A 217 7.49 -29.34 -9.26
C ASP A 217 6.82 -29.66 -7.93
N ASN A 218 7.24 -28.98 -6.86
CA ASN A 218 6.74 -29.29 -5.50
C ASN A 218 5.96 -28.15 -4.84
N GLU A 219 5.71 -27.07 -5.58
CA GLU A 219 5.12 -25.92 -4.94
C GLU A 219 3.67 -26.18 -4.56
N LEU A 220 2.95 -26.88 -5.42
CA LEU A 220 1.53 -27.11 -5.21
C LEU A 220 1.31 -27.93 -3.96
N GLN A 221 2.22 -28.81 -3.64
CA GLN A 221 2.09 -29.57 -2.39
C GLN A 221 2.28 -28.68 -1.18
N TYR A 222 3.26 -27.77 -1.28
CA TYR A 222 3.48 -26.74 -0.28
C TYR A 222 2.20 -25.92 -0.14
N VAL A 223 1.69 -25.40 -1.25
CA VAL A 223 0.44 -24.68 -1.24
C VAL A 223 -0.61 -25.48 -0.45
N ASP A 224 -0.71 -26.78 -0.67
CA ASP A 224 -1.71 -27.57 0.03
C ASP A 224 -1.46 -27.73 1.51
N GLN A 225 -0.19 -27.80 1.89
CA GLN A 225 0.14 -27.98 3.29
C GLN A 225 -0.32 -26.75 4.08
N LEU A 226 -0.09 -25.56 3.49
CA LEU A 226 -0.41 -24.30 4.17
C LEU A 226 -1.90 -24.04 4.16
N LEU A 227 -2.56 -24.39 3.07
CA LEU A 227 -4.01 -24.18 3.00
C LEU A 227 -4.65 -25.03 4.04
N LYS A 228 -4.00 -26.15 4.38
CA LYS A 228 -4.45 -27.05 5.43
C LYS A 228 -4.31 -26.36 6.79
N GLU A 229 -3.10 -25.81 7.01
CA GLU A 229 -2.78 -25.01 8.21
C GLU A 229 -3.69 -23.78 8.42
N ASP A 230 -3.93 -23.01 7.35
CA ASP A 230 -4.83 -21.86 7.42
C ASP A 230 -5.52 -21.62 6.10
N VAL A 231 -6.76 -22.09 6.02
CA VAL A 231 -7.52 -22.03 4.77
C VAL A 231 -7.95 -20.62 4.41
N ARG A 232 -7.76 -19.67 5.34
CA ARG A 232 -8.08 -18.27 5.10
C ARG A 232 -6.84 -17.44 4.69
N ASN A 233 -5.72 -18.12 4.40
CA ASN A 233 -4.53 -17.36 4.05
C ASN A 233 -4.56 -17.03 2.57
N ASN A 234 -4.96 -15.79 2.27
CA ASN A 234 -5.07 -15.31 0.89
C ASN A 234 -3.76 -15.34 0.11
N SER A 235 -2.66 -15.29 0.84
CA SER A 235 -1.37 -15.36 0.21
C SER A 235 -1.19 -16.76 -0.44
N VAL A 236 -1.65 -17.78 0.26
CA VAL A 236 -1.54 -19.14 -0.24
C VAL A 236 -2.52 -19.38 -1.43
N TRP A 237 -3.73 -18.82 -1.37
CA TRP A 237 -4.66 -18.90 -2.50
C TRP A 237 -4.05 -18.23 -3.71
N ASN A 238 -3.31 -17.16 -3.47
CA ASN A 238 -2.67 -16.49 -4.58
C ASN A 238 -1.55 -17.35 -5.12
N GLN A 239 -0.84 -18.02 -4.22
CA GLN A 239 0.29 -18.85 -4.67
C GLN A 239 -0.27 -20.00 -5.52
N ARG A 240 -1.30 -20.66 -5.01
CA ARG A 240 -2.06 -21.66 -5.76
C ARG A 240 -2.26 -21.31 -7.22
N HIS A 241 -2.76 -20.11 -7.46
CA HIS A 241 -3.09 -19.66 -8.75
C HIS A 241 -1.91 -19.33 -9.54
N PHE A 242 -0.83 -18.98 -8.88
CA PHE A 242 0.44 -18.68 -9.55
C PHE A 242 1.07 -20.00 -10.09
N VAL A 243 1.09 -21.04 -9.28
CA VAL A 243 1.60 -22.35 -9.72
C VAL A 243 0.83 -22.92 -10.93
N ILE A 244 -0.48 -23.10 -10.73
CA ILE A 244 -1.37 -23.69 -11.73
C ILE A 244 -1.28 -22.87 -12.99
N SER A 245 -1.45 -21.56 -12.86
CA SER A 245 -1.53 -20.77 -14.06
C SER A 245 -0.20 -20.76 -14.82
N ASN A 246 0.92 -21.15 -14.20
CA ASN A 246 2.22 -21.13 -14.92
C ASN A 246 2.70 -22.52 -15.31
N THR A 247 1.92 -23.55 -14.97
CA THR A 247 2.25 -24.94 -15.26
C THR A 247 1.16 -25.48 -16.22
N THR A 248 0.18 -26.21 -15.67
CA THR A 248 -0.97 -26.77 -16.40
C THR A 248 -1.84 -25.72 -17.03
N GLY A 249 -2.04 -24.60 -16.36
CA GLY A 249 -3.06 -23.65 -16.81
C GLY A 249 -4.44 -24.11 -16.37
N TYR A 250 -5.44 -23.29 -16.65
CA TYR A 250 -6.80 -23.53 -16.12
C TYR A 250 -7.80 -24.01 -17.20
N SER A 251 -7.30 -24.44 -18.34
CA SER A 251 -8.16 -24.91 -19.40
C SER A 251 -8.27 -26.41 -19.35
N ASP A 252 -7.18 -27.09 -19.21
CA ASP A 252 -7.29 -28.48 -18.89
C ASP A 252 -8.49 -28.66 -17.97
N ARG A 253 -9.56 -29.17 -18.58
CA ARG A 253 -10.85 -29.25 -17.96
C ARG A 253 -10.85 -30.20 -16.79
N ALA A 254 -9.94 -31.16 -16.77
CA ALA A 254 -9.74 -32.04 -15.61
C ALA A 254 -9.22 -31.25 -14.42
N VAL A 255 -8.28 -30.35 -14.70
CA VAL A 255 -7.71 -29.49 -13.68
C VAL A 255 -8.70 -28.41 -13.24
N LEU A 256 -9.29 -27.65 -14.16
CA LEU A 256 -10.36 -26.69 -13.78
C LEU A 256 -11.48 -27.33 -12.92
N GLU A 257 -11.85 -28.55 -13.27
CA GLU A 257 -12.85 -29.30 -12.51
C GLU A 257 -12.34 -29.62 -11.10
N ARG A 258 -11.09 -30.06 -10.98
CA ARG A 258 -10.50 -30.42 -9.69
C ARG A 258 -10.36 -29.20 -8.80
N GLU A 259 -10.07 -28.07 -9.43
CA GLU A 259 -9.96 -26.82 -8.76
C GLU A 259 -11.30 -26.35 -8.20
N VAL A 260 -12.34 -26.39 -9.04
CA VAL A 260 -13.69 -25.97 -8.61
C VAL A 260 -14.24 -26.92 -7.54
N GLN A 261 -14.05 -28.24 -7.67
CA GLN A 261 -14.50 -29.18 -6.63
C GLN A 261 -13.85 -28.89 -5.30
N TYR A 262 -12.54 -28.59 -5.35
CA TYR A 262 -11.76 -28.23 -4.17
C TYR A 262 -12.26 -26.92 -3.52
N THR A 263 -12.41 -25.86 -4.31
CA THR A 263 -12.92 -24.58 -3.80
C THR A 263 -14.33 -24.71 -3.17
N LEU A 264 -15.26 -25.38 -3.84
CA LEU A 264 -16.60 -25.61 -3.26
C LEU A 264 -16.53 -26.38 -1.97
N GLU A 265 -15.64 -27.37 -1.92
CA GLU A 265 -15.51 -28.21 -0.75
C GLU A 265 -14.97 -27.42 0.47
N MET A 266 -14.02 -26.52 0.21
CA MET A 266 -13.50 -25.60 1.23
C MET A 266 -14.59 -24.64 1.68
N ILE A 267 -15.31 -24.08 0.72
CA ILE A 267 -16.46 -23.25 1.03
C ILE A 267 -17.46 -23.99 1.93
N LYS A 268 -17.67 -25.29 1.70
CA LYS A 268 -18.57 -26.05 2.56
C LYS A 268 -18.10 -26.06 4.01
N LEU A 269 -16.80 -26.30 4.23
CA LEU A 269 -16.30 -26.43 5.60
C LEU A 269 -16.33 -25.06 6.30
N VAL A 270 -16.20 -23.97 5.53
CA VAL A 270 -16.05 -22.61 6.08
C VAL A 270 -16.72 -21.57 5.20
N PRO A 271 -18.07 -21.55 5.18
CA PRO A 271 -18.82 -20.72 4.23
C PRO A 271 -18.49 -19.25 4.23
N HIS A 272 -18.09 -18.71 5.38
CA HIS A 272 -17.78 -17.27 5.50
C HIS A 272 -16.33 -16.86 5.15
N ASN A 273 -15.50 -17.83 4.76
CA ASN A 273 -14.14 -17.53 4.25
C ASN A 273 -14.13 -16.93 2.85
N GLU A 274 -13.77 -15.66 2.76
CA GLU A 274 -13.86 -14.91 1.50
C GLU A 274 -12.81 -15.31 0.46
N SER A 275 -11.74 -15.95 0.87
CA SER A 275 -10.69 -16.29 -0.10
C SER A 275 -11.06 -17.41 -1.10
N ALA A 276 -11.73 -18.46 -0.63
CA ALA A 276 -12.24 -19.50 -1.53
C ALA A 276 -13.19 -18.84 -2.51
N TRP A 277 -14.16 -18.08 -1.98
CA TRP A 277 -15.13 -17.43 -2.84
C TRP A 277 -14.43 -16.60 -3.89
N ASN A 278 -13.38 -15.88 -3.52
CA ASN A 278 -12.67 -15.06 -4.51
C ASN A 278 -11.88 -15.94 -5.54
N TYR A 279 -11.36 -17.06 -5.08
CA TYR A 279 -10.62 -17.92 -5.98
C TYR A 279 -11.57 -18.55 -7.01
N LEU A 280 -12.71 -19.06 -6.49
CA LEU A 280 -13.79 -19.63 -7.30
C LEU A 280 -14.21 -18.71 -8.41
N LYS A 281 -14.50 -17.48 -8.06
CA LYS A 281 -14.86 -16.47 -9.06
C LYS A 281 -13.68 -16.23 -9.97
N GLY A 282 -12.50 -16.22 -9.40
CA GLY A 282 -11.28 -15.81 -10.13
C GLY A 282 -10.98 -16.72 -11.30
N ILE A 283 -11.13 -18.02 -11.07
CA ILE A 283 -10.88 -19.00 -12.09
C ILE A 283 -11.96 -19.09 -13.20
N LEU A 284 -13.24 -19.02 -12.83
CA LEU A 284 -14.38 -19.19 -13.78
C LEU A 284 -14.78 -17.96 -14.57
N GLN A 285 -14.48 -16.78 -14.05
CA GLN A 285 -14.93 -15.51 -14.65
C GLN A 285 -14.18 -15.21 -15.95
N ASP A 286 -12.96 -15.73 -16.03
CA ASP A 286 -12.17 -15.76 -17.28
C ASP A 286 -13.10 -15.99 -18.45
N ARG A 287 -13.61 -17.23 -18.51
CA ARG A 287 -14.45 -17.73 -19.59
C ARG A 287 -15.91 -17.21 -19.62
N GLY A 288 -16.38 -16.58 -18.55
CA GLY A 288 -17.78 -16.15 -18.45
C GLY A 288 -18.59 -17.14 -17.63
N LEU A 289 -19.13 -16.70 -16.50
CA LEU A 289 -19.81 -17.59 -15.50
C LEU A 289 -21.04 -18.35 -16.03
N SER A 290 -21.69 -17.82 -17.06
CA SER A 290 -22.90 -18.42 -17.59
C SER A 290 -22.58 -19.54 -18.60
N ARG A 291 -21.33 -19.88 -18.70
CA ARG A 291 -20.88 -20.94 -19.55
C ARG A 291 -20.97 -22.20 -18.74
N TYR A 292 -21.19 -22.02 -17.45
CA TYR A 292 -21.34 -23.12 -16.50
C TYR A 292 -22.74 -23.15 -15.83
N PRO A 293 -23.71 -23.82 -16.48
CA PRO A 293 -25.12 -23.70 -16.08
C PRO A 293 -25.50 -24.47 -14.83
N ASN A 294 -24.74 -25.51 -14.47
CA ASN A 294 -24.91 -26.22 -13.19
C ASN A 294 -24.56 -25.36 -11.94
N LEU A 295 -23.75 -24.34 -12.17
CA LEU A 295 -23.20 -23.54 -11.09
C LEU A 295 -24.35 -22.83 -10.36
N LEU A 296 -25.17 -22.11 -11.13
CA LEU A 296 -26.28 -21.39 -10.56
C LEU A 296 -27.05 -22.23 -9.53
N ASN A 297 -27.45 -23.44 -9.90
CA ASN A 297 -28.26 -24.26 -9.01
C ASN A 297 -27.45 -24.89 -7.92
N GLN A 298 -26.22 -25.30 -8.18
CA GLN A 298 -25.40 -25.89 -7.12
C GLN A 298 -25.16 -24.90 -5.95
N LEU A 299 -25.13 -23.61 -6.26
CA LEU A 299 -25.03 -22.58 -5.21
C LEU A 299 -26.37 -22.43 -4.48
N LEU A 300 -27.44 -22.34 -5.26
CA LEU A 300 -28.78 -22.26 -4.68
C LEU A 300 -29.06 -23.40 -3.70
N ASP A 301 -28.41 -24.55 -3.87
CA ASP A 301 -28.53 -25.65 -2.90
C ASP A 301 -27.79 -25.44 -1.58
N LEU A 302 -26.70 -24.69 -1.61
CA LEU A 302 -25.92 -24.43 -0.39
C LEU A 302 -26.59 -23.39 0.53
N GLN A 303 -27.55 -22.64 -0.02
CA GLN A 303 -28.23 -21.51 0.65
C GLN A 303 -28.85 -21.82 2.04
N PRO A 304 -29.76 -22.82 2.11
CA PRO A 304 -30.46 -23.10 3.37
C PRO A 304 -29.53 -23.32 4.56
N SER A 305 -28.40 -23.97 4.34
CA SER A 305 -27.49 -24.39 5.40
C SER A 305 -26.10 -23.73 5.34
N HIS A 306 -25.91 -22.80 4.39
CA HIS A 306 -24.61 -22.14 4.22
C HIS A 306 -24.68 -20.74 3.64
N SER A 307 -25.75 -20.00 3.84
CA SER A 307 -25.75 -18.67 3.22
C SER A 307 -24.60 -17.77 3.79
N SER A 308 -24.25 -16.78 3.00
CA SER A 308 -23.30 -15.80 3.38
C SER A 308 -23.60 -14.71 2.38
N PRO A 309 -23.20 -13.47 2.69
CA PRO A 309 -23.22 -12.40 1.68
C PRO A 309 -22.40 -12.73 0.40
N TYR A 310 -21.39 -13.61 0.50
CA TYR A 310 -20.53 -13.88 -0.64
C TYR A 310 -21.25 -14.82 -1.61
N LEU A 311 -22.04 -15.74 -1.05
CA LEU A 311 -22.86 -16.59 -1.87
C LEU A 311 -23.86 -15.75 -2.64
N ILE A 312 -24.53 -14.84 -1.95
CA ILE A 312 -25.54 -14.03 -2.62
C ILE A 312 -24.93 -13.19 -3.74
N ALA A 313 -23.72 -12.68 -3.53
CA ALA A 313 -23.05 -11.80 -4.50
C ALA A 313 -22.52 -12.56 -5.71
N PHE A 314 -22.16 -13.81 -5.48
CA PHE A 314 -21.74 -14.66 -6.56
C PHE A 314 -22.96 -14.92 -7.45
N LEU A 315 -24.13 -15.15 -6.85
CA LEU A 315 -25.36 -15.23 -7.64
C LEU A 315 -25.54 -13.97 -8.48
N VAL A 316 -25.44 -12.80 -7.87
CA VAL A 316 -25.58 -11.58 -8.68
C VAL A 316 -24.61 -11.57 -9.87
N ASP A 317 -23.41 -12.14 -9.71
CA ASP A 317 -22.44 -12.20 -10.83
C ASP A 317 -22.84 -13.18 -11.97
N ILE A 318 -23.34 -14.36 -11.59
CA ILE A 318 -23.95 -15.32 -12.55
C ILE A 318 -25.11 -14.68 -13.33
N TYR A 319 -26.04 -14.07 -12.62
CA TYR A 319 -27.14 -13.40 -13.31
C TYR A 319 -26.64 -12.32 -14.25
N GLU A 320 -25.61 -11.56 -13.85
CA GLU A 320 -25.13 -10.53 -14.76
C GLU A 320 -24.61 -11.12 -16.05
N ASP A 321 -23.83 -12.19 -15.95
CA ASP A 321 -23.27 -12.83 -17.15
C ASP A 321 -24.38 -13.42 -18.01
N MET A 322 -25.38 -14.04 -17.39
CA MET A 322 -26.52 -14.57 -18.14
C MET A 322 -27.16 -13.48 -19.00
N LEU A 323 -27.45 -12.33 -18.39
CA LEU A 323 -28.09 -11.20 -19.08
C LEU A 323 -27.21 -10.58 -20.16
N GLU A 324 -25.90 -10.63 -19.94
CA GLU A 324 -24.92 -10.17 -20.90
C GLU A 324 -24.91 -11.05 -22.12
N ASN A 325 -25.16 -12.34 -21.92
CA ASN A 325 -25.17 -13.31 -23.01
C ASN A 325 -26.54 -13.57 -23.59
N GLN A 326 -27.42 -12.56 -23.50
CA GLN A 326 -28.77 -12.58 -24.06
C GLN A 326 -29.48 -13.93 -23.84
N CYS A 327 -29.73 -14.27 -22.59
CA CYS A 327 -30.25 -15.61 -22.25
C CYS A 327 -31.77 -15.70 -22.22
N ASP A 328 -32.27 -16.93 -22.08
CA ASP A 328 -33.70 -17.19 -22.03
C ASP A 328 -34.15 -16.32 -20.86
N ASN A 329 -35.32 -15.75 -20.93
CA ASN A 329 -35.84 -14.92 -19.86
C ASN A 329 -35.04 -13.68 -19.46
N LYS A 330 -35.00 -12.69 -20.34
CA LYS A 330 -34.28 -11.45 -20.08
C LYS A 330 -35.10 -10.57 -19.14
N GLU A 331 -35.76 -11.21 -18.18
CA GLU A 331 -36.59 -10.48 -17.22
C GLU A 331 -36.52 -11.13 -15.84
N ASP A 332 -37.22 -12.24 -15.68
CA ASP A 332 -37.25 -12.96 -14.41
C ASP A 332 -35.86 -12.98 -13.77
N ILE A 333 -34.84 -13.17 -14.60
CA ILE A 333 -33.45 -13.22 -14.13
C ILE A 333 -32.98 -11.87 -13.52
N LEU A 334 -33.13 -10.80 -14.29
CA LEU A 334 -32.78 -9.47 -13.80
C LEU A 334 -33.47 -9.17 -12.46
N ASN A 335 -34.71 -9.61 -12.35
CA ASN A 335 -35.51 -9.40 -11.14
C ASN A 335 -34.98 -10.17 -9.97
N LYS A 336 -34.46 -11.37 -10.19
CA LYS A 336 -33.81 -12.07 -9.11
C LYS A 336 -32.60 -11.24 -8.65
N ALA A 337 -31.84 -10.75 -9.64
CA ALA A 337 -30.66 -9.91 -9.45
C ALA A 337 -30.92 -8.68 -8.62
N LEU A 338 -31.83 -7.83 -9.10
CA LEU A 338 -32.17 -6.60 -8.40
C LEU A 338 -32.64 -6.92 -7.00
N GLU A 339 -33.43 -7.96 -6.87
CA GLU A 339 -33.93 -8.30 -5.56
C GLU A 339 -32.74 -8.53 -4.64
N LEU A 340 -31.77 -9.32 -5.10
CA LEU A 340 -30.63 -9.71 -4.28
C LEU A 340 -29.70 -8.54 -3.90
N CYS A 341 -29.37 -7.69 -4.87
CA CYS A 341 -28.70 -6.43 -4.61
C CYS A 341 -29.29 -5.68 -3.41
N GLU A 342 -30.62 -5.66 -3.40
CA GLU A 342 -31.39 -4.97 -2.39
C GLU A 342 -31.19 -5.62 -1.03
N ILE A 343 -31.36 -6.93 -0.97
CA ILE A 343 -31.04 -7.69 0.23
C ILE A 343 -29.60 -7.28 0.73
N LEU A 344 -28.65 -7.14 -0.20
CA LEU A 344 -27.29 -6.73 0.14
C LEU A 344 -27.21 -5.27 0.68
N ALA A 345 -27.70 -4.30 -0.10
CA ALA A 345 -27.67 -2.89 0.30
C ALA A 345 -28.39 -2.62 1.61
N LYS A 346 -29.46 -3.38 1.86
CA LYS A 346 -30.45 -3.02 2.86
C LYS A 346 -30.24 -3.76 4.13
N GLU A 347 -29.80 -5.01 4.02
CA GLU A 347 -29.87 -5.94 5.11
C GLU A 347 -28.54 -6.70 5.30
N LYS A 348 -28.01 -7.36 4.26
CA LYS A 348 -26.96 -8.39 4.48
C LYS A 348 -25.51 -7.94 4.25
N ASP A 349 -25.32 -6.87 3.48
CA ASP A 349 -24.00 -6.33 3.25
C ASP A 349 -24.05 -4.82 3.11
N THR A 350 -24.48 -4.15 4.19
CA THR A 350 -24.78 -2.72 4.13
C THR A 350 -23.55 -1.81 4.07
N ILE A 351 -22.36 -2.28 4.45
CA ILE A 351 -21.15 -1.45 4.36
C ILE A 351 -20.87 -1.05 2.91
N ARG A 352 -21.24 -1.99 2.03
CA ARG A 352 -21.13 -1.81 0.59
C ARG A 352 -22.44 -1.26 -0.09
N LYS A 353 -23.36 -0.76 0.72
CA LYS A 353 -24.57 -0.10 0.20
C LYS A 353 -24.35 0.72 -1.09
N GLU A 354 -23.34 1.59 -1.14
CA GLU A 354 -23.16 2.39 -2.36
C GLU A 354 -22.83 1.54 -3.57
N TYR A 355 -22.19 0.40 -3.34
CA TYR A 355 -21.70 -0.38 -4.44
C TYR A 355 -22.84 -1.20 -5.03
N TRP A 356 -23.68 -1.75 -4.17
CA TRP A 356 -24.83 -2.52 -4.57
C TRP A 356 -25.92 -1.66 -5.22
N ARG A 357 -26.27 -0.55 -4.62
CA ARG A 357 -27.09 0.45 -5.31
C ARG A 357 -26.59 0.66 -6.73
N TYR A 358 -25.29 0.72 -6.95
CA TYR A 358 -24.78 1.02 -8.29
C TYR A 358 -24.86 -0.20 -9.22
N ILE A 359 -24.65 -1.41 -8.68
CA ILE A 359 -24.82 -2.61 -9.48
C ILE A 359 -26.30 -2.73 -9.88
N GLY A 360 -27.19 -2.56 -8.90
CA GLY A 360 -28.64 -2.53 -9.16
C GLY A 360 -28.98 -1.60 -10.30
N ARG A 361 -28.44 -0.40 -10.25
CA ARG A 361 -28.68 0.61 -11.27
C ARG A 361 -28.03 0.27 -12.58
N SER A 362 -26.85 -0.34 -12.54
CA SER A 362 -26.18 -0.72 -13.78
C SER A 362 -26.96 -1.79 -14.54
N LEU A 363 -27.54 -2.72 -13.82
CA LEU A 363 -28.33 -3.82 -14.41
C LEU A 363 -29.71 -3.38 -14.95
N GLN A 364 -30.32 -2.37 -14.33
CA GLN A 364 -31.53 -1.78 -14.85
C GLN A 364 -31.23 -1.01 -16.12
N SER A 365 -30.19 -0.19 -16.08
CA SER A 365 -29.86 0.64 -17.24
C SER A 365 -29.52 -0.24 -18.44
N LYS A 366 -28.98 -1.43 -18.18
CA LYS A 366 -28.54 -2.32 -19.23
C LYS A 366 -29.69 -3.11 -19.79
N HIS A 367 -30.52 -3.64 -18.91
CA HIS A 367 -31.26 -4.84 -19.22
C HIS A 367 -32.80 -4.83 -18.97
N SER A 368 -33.51 -3.78 -19.38
CA SER A 368 -34.97 -3.86 -19.41
C SER A 368 -35.63 -3.09 -20.56
N ARG A 369 -34.85 -2.24 -21.24
CA ARG A 369 -35.39 -1.40 -22.30
C ARG A 369 -36.87 -1.29 -22.09
N TRP B 19 -34.49 8.13 20.32
CA TRP B 19 -34.69 6.70 20.16
C TRP B 19 -33.61 6.02 19.33
N SER B 20 -33.19 6.71 18.28
CA SER B 20 -32.34 6.17 17.26
C SER B 20 -30.93 6.74 17.26
N GLU B 21 -29.96 5.85 17.08
CA GLU B 21 -28.51 6.19 16.99
C GLU B 21 -28.15 6.95 15.73
N PRO B 22 -27.52 8.12 15.86
CA PRO B 22 -26.96 8.73 14.67
C PRO B 22 -25.72 7.98 14.14
N LEU B 23 -24.98 7.29 15.03
CA LEU B 23 -23.73 6.63 14.69
C LEU B 23 -23.89 5.15 14.31
N TYR B 24 -23.51 4.87 13.06
CA TYR B 24 -23.70 3.57 12.39
C TYR B 24 -23.04 2.41 13.11
N SER B 25 -21.88 2.66 13.72
CA SER B 25 -21.18 1.59 14.44
C SER B 25 -21.78 1.36 15.81
N LEU B 26 -22.64 2.25 16.29
CA LEU B 26 -23.24 2.07 17.63
C LEU B 26 -24.64 1.49 17.60
N ARG B 27 -25.21 1.37 16.40
CA ARG B 27 -26.56 0.87 16.28
C ARG B 27 -26.62 -0.56 16.75
N PRO B 28 -27.77 -0.99 17.31
CA PRO B 28 -27.88 -2.40 17.77
C PRO B 28 -27.62 -3.44 16.66
N GLU B 29 -28.17 -3.18 15.48
CA GLU B 29 -28.08 -4.14 14.37
C GLU B 29 -26.64 -4.38 13.91
N HIS B 30 -25.76 -3.44 14.21
CA HIS B 30 -24.36 -3.57 13.88
C HIS B 30 -23.66 -4.81 14.50
N ALA B 31 -24.15 -5.30 15.65
CA ALA B 31 -23.58 -6.45 16.39
C ALA B 31 -23.47 -7.68 15.52
N ARG B 32 -24.37 -7.72 14.52
CA ARG B 32 -24.52 -8.80 13.54
C ARG B 32 -23.38 -8.85 12.57
N GLU B 33 -22.70 -7.73 12.41
CA GLU B 33 -21.58 -7.65 11.52
C GLU B 33 -20.29 -8.28 12.09
N ARG B 34 -20.35 -8.91 13.26
CA ARG B 34 -19.15 -9.58 13.82
C ARG B 34 -18.74 -10.83 13.05
N LEU B 35 -17.49 -11.22 13.23
CA LEU B 35 -16.95 -12.36 12.53
C LEU B 35 -17.77 -13.59 12.80
N GLN B 36 -18.06 -14.36 11.75
CA GLN B 36 -18.59 -15.70 11.92
C GLN B 36 -17.53 -16.66 11.48
N ASP B 37 -16.92 -17.31 12.44
CA ASP B 37 -15.85 -18.24 12.16
C ASP B 37 -16.33 -19.64 11.75
N ASP B 38 -17.64 -19.84 11.58
CA ASP B 38 -18.19 -21.15 11.17
C ASP B 38 -17.63 -22.31 12.03
N SER B 39 -17.35 -22.03 13.30
CA SER B 39 -16.71 -23.01 14.18
C SER B 39 -15.39 -23.62 13.67
N VAL B 40 -14.66 -22.85 12.88
CA VAL B 40 -13.41 -23.30 12.36
C VAL B 40 -12.42 -22.15 12.59
N GLU B 41 -11.47 -22.43 13.47
CA GLU B 41 -10.49 -21.46 13.95
C GLU B 41 -9.19 -21.59 13.20
N THR B 42 -8.67 -20.47 12.69
CA THR B 42 -7.30 -20.40 12.20
C THR B 42 -6.67 -19.13 12.74
N VAL B 43 -5.36 -19.00 12.55
CA VAL B 43 -4.62 -17.81 12.95
C VAL B 43 -5.40 -16.59 12.44
N THR B 44 -5.84 -16.62 11.18
CA THR B 44 -6.59 -15.50 10.60
C THR B 44 -7.85 -15.16 11.39
N SER B 45 -8.61 -16.15 11.86
CA SER B 45 -9.84 -15.84 12.55
C SER B 45 -9.56 -15.42 13.96
N ILE B 46 -8.68 -16.14 14.63
CA ILE B 46 -8.32 -15.78 15.97
C ILE B 46 -7.91 -14.30 15.96
N GLU B 47 -7.03 -13.91 15.05
CA GLU B 47 -6.49 -12.54 15.07
C GLU B 47 -7.56 -11.53 14.74
N GLN B 48 -8.41 -11.87 13.79
CA GLN B 48 -9.49 -10.94 13.40
C GLN B 48 -10.50 -10.80 14.55
N ALA B 49 -10.75 -11.88 15.27
CA ALA B 49 -11.63 -11.83 16.45
C ALA B 49 -11.02 -10.98 17.56
N LYS B 50 -9.73 -11.12 17.77
CA LYS B 50 -9.03 -10.24 18.69
C LYS B 50 -9.23 -8.72 18.40
N VAL B 51 -9.10 -8.30 17.15
CA VAL B 51 -9.26 -6.88 16.83
C VAL B 51 -10.70 -6.45 17.06
N GLU B 52 -11.65 -7.25 16.61
CA GLU B 52 -13.07 -6.95 16.75
C GLU B 52 -13.46 -6.78 18.21
N GLU B 53 -12.84 -7.55 19.08
CA GLU B 53 -13.06 -7.40 20.52
C GLU B 53 -12.62 -5.99 20.95
N LYS B 54 -11.44 -5.55 20.52
CA LYS B 54 -10.92 -4.23 20.90
C LYS B 54 -11.77 -3.12 20.33
N ILE B 55 -12.12 -3.21 19.07
CA ILE B 55 -12.90 -2.16 18.47
C ILE B 55 -14.27 -2.11 19.14
N GLN B 56 -14.83 -3.27 19.46
CA GLN B 56 -16.09 -3.30 20.17
C GLN B 56 -15.99 -2.54 21.49
N GLU B 57 -14.88 -2.69 22.22
CA GLU B 57 -14.73 -1.96 23.49
C GLU B 57 -14.80 -0.47 23.23
N VAL B 58 -14.07 0.01 22.22
CA VAL B 58 -14.07 1.42 21.90
C VAL B 58 -15.48 1.83 21.56
N PHE B 59 -16.11 1.15 20.61
CA PHE B 59 -17.53 1.46 20.23
C PHE B 59 -18.48 1.49 21.44
N SER B 60 -18.41 0.48 22.29
CA SER B 60 -19.30 0.34 23.46
C SER B 60 -19.07 1.29 24.59
N SER B 61 -17.94 2.00 24.57
CA SER B 61 -17.46 2.67 25.78
C SER B 61 -18.30 3.89 26.12
N TYR B 62 -19.08 4.37 25.15
CA TYR B 62 -20.06 5.44 25.40
C TYR B 62 -21.23 4.94 26.28
N LYS B 63 -21.81 3.80 25.93
CA LYS B 63 -22.82 3.13 26.76
C LYS B 63 -22.27 2.72 28.14
N PHE B 64 -21.08 2.10 28.18
CA PHE B 64 -20.52 1.62 29.48
C PHE B 64 -20.25 2.78 30.45
N ASN B 65 -19.83 3.93 29.91
CA ASN B 65 -19.56 5.13 30.74
C ASN B 65 -20.78 6.00 31.03
N HIS B 66 -21.92 5.72 30.40
CA HIS B 66 -23.16 6.48 30.62
C HIS B 66 -23.00 7.95 30.15
N LEU B 67 -22.34 8.11 29.01
CA LEU B 67 -22.06 9.41 28.39
C LEU B 67 -22.63 9.44 26.98
N VAL B 68 -23.12 10.62 26.58
CA VAL B 68 -23.61 10.85 25.21
C VAL B 68 -22.39 10.91 24.25
N PRO B 69 -22.40 10.11 23.16
CA PRO B 69 -21.28 10.17 22.16
C PRO B 69 -21.23 11.44 21.31
N ARG B 70 -20.04 11.79 20.87
CA ARG B 70 -19.79 13.01 20.10
C ARG B 70 -18.39 12.91 19.50
N LEU B 71 -18.25 13.14 18.19
CA LEU B 71 -16.97 12.91 17.53
C LEU B 71 -16.21 14.19 17.21
N VAL B 72 -15.03 14.32 17.81
CA VAL B 72 -14.22 15.48 17.63
C VAL B 72 -12.88 15.06 17.05
N LEU B 73 -12.53 15.70 15.95
CA LEU B 73 -11.17 15.66 15.44
C LEU B 73 -10.31 16.60 16.30
N GLN B 74 -9.37 16.04 17.05
CA GLN B 74 -8.60 16.78 18.03
C GLN B 74 -7.52 17.66 17.38
N ARG B 75 -7.99 18.65 16.62
CA ARG B 75 -7.13 19.47 15.71
C ARG B 75 -5.95 20.14 16.44
N GLU B 76 -6.21 20.73 17.59
CA GLU B 76 -5.14 21.47 18.28
C GLU B 76 -4.01 20.51 18.67
N LYS B 77 -4.38 19.40 19.29
CA LYS B 77 -3.38 18.44 19.69
CA LYS B 77 -3.42 18.38 19.67
C LYS B 77 -2.60 17.87 18.48
N HIS B 78 -3.28 17.55 17.36
CA HIS B 78 -2.57 17.07 16.15
C HIS B 78 -1.58 18.11 15.61
N PHE B 79 -2.00 19.37 15.63
CA PHE B 79 -1.18 20.48 15.21
C PHE B 79 0.13 20.60 16.01
N HIS B 80 0.05 20.61 17.35
CA HIS B 80 1.23 20.68 18.25
CA HIS B 80 1.25 20.74 18.17
C HIS B 80 2.24 19.59 17.89
N TYR B 81 1.74 18.38 17.76
CA TYR B 81 2.55 17.20 17.37
C TYR B 81 3.19 17.41 15.99
N LEU B 82 2.44 17.92 15.03
CA LEU B 82 2.99 18.15 13.71
C LEU B 82 4.04 19.26 13.76
N LYS B 83 3.71 20.33 14.48
CA LYS B 83 4.54 21.54 14.47
C LYS B 83 5.94 21.21 14.99
N ARG B 84 5.98 20.47 16.08
CA ARG B 84 7.24 20.10 16.69
C ARG B 84 8.02 19.08 15.82
N GLY B 85 7.29 18.10 15.28
CA GLY B 85 7.87 17.06 14.45
C GLY B 85 8.55 17.57 13.20
N LEU B 86 8.03 18.67 12.67
CA LEU B 86 8.60 19.26 11.45
C LEU B 86 10.00 19.78 11.68
N ARG B 87 10.34 20.06 12.95
CA ARG B 87 11.69 20.50 13.33
C ARG B 87 12.53 19.43 13.93
N GLN B 88 11.98 18.67 14.85
CA GLN B 88 12.74 17.71 15.61
C GLN B 88 11.99 16.43 15.88
N LEU B 89 12.73 15.35 16.02
CA LEU B 89 12.17 14.00 16.18
C LEU B 89 13.08 13.23 17.14
N THR B 90 12.46 12.39 17.96
CA THR B 90 13.17 11.47 18.86
C THR B 90 13.97 10.40 18.06
N ASP B 91 14.81 9.64 18.77
CA ASP B 91 15.66 8.64 18.17
C ASP B 91 14.92 7.39 17.75
N ALA B 92 13.64 7.36 18.09
CA ALA B 92 12.66 6.43 17.54
C ALA B 92 12.51 6.57 16.01
N TYR B 93 12.82 7.72 15.45
CA TYR B 93 12.83 7.88 14.00
C TYR B 93 14.23 7.62 13.39
N GLU B 94 15.18 7.05 14.15
CA GLU B 94 16.43 6.54 13.55
C GLU B 94 16.14 5.63 12.35
N CYS B 95 15.07 4.84 12.41
CA CYS B 95 14.75 3.93 11.31
C CYS B 95 14.20 4.64 10.09
N LEU B 96 13.89 5.93 10.20
CA LEU B 96 13.49 6.72 9.05
C LEU B 96 14.56 7.74 8.63
N ASP B 97 15.79 7.49 9.02
CA ASP B 97 16.89 8.37 8.65
C ASP B 97 17.24 8.33 7.14
N ALA B 98 16.84 7.28 6.43
CA ALA B 98 16.94 7.26 4.97
C ALA B 98 15.59 7.71 4.31
N SER B 99 14.72 8.35 5.08
CA SER B 99 13.40 8.73 4.60
C SER B 99 12.99 10.15 5.02
N ARG B 100 13.94 11.07 5.08
CA ARG B 100 13.56 12.37 5.62
C ARG B 100 12.62 13.19 4.75
N PRO B 101 12.80 13.16 3.43
CA PRO B 101 11.80 13.80 2.62
C PRO B 101 10.42 13.22 2.88
N TRP B 102 10.29 11.96 3.23
CA TRP B 102 8.96 11.45 3.51
C TRP B 102 8.32 12.18 4.66
N LEU B 103 9.12 12.41 5.70
CA LEU B 103 8.68 13.11 6.91
C LEU B 103 8.26 14.52 6.61
N CYS B 104 8.99 15.21 5.75
CA CYS B 104 8.60 16.53 5.28
C CYS B 104 7.22 16.48 4.68
N TYR B 105 7.05 15.58 3.72
CA TYR B 105 5.78 15.48 3.05
C TYR B 105 4.68 15.08 4.01
N TRP B 106 4.86 14.01 4.80
CA TRP B 106 3.76 13.53 5.65
C TRP B 106 3.30 14.67 6.56
N ILE B 107 4.27 15.38 7.10
CA ILE B 107 3.98 16.43 8.08
C ILE B 107 3.35 17.68 7.41
N LEU B 108 3.97 18.15 6.33
CA LEU B 108 3.40 19.26 5.61
C LEU B 108 1.99 18.98 5.08
N HIS B 109 1.75 17.79 4.57
CA HIS B 109 0.46 17.46 4.03
C HIS B 109 -0.57 17.42 5.14
N SER B 110 -0.21 16.88 6.29
CA SER B 110 -1.15 16.87 7.40
C SER B 110 -1.49 18.32 7.81
N LEU B 111 -0.49 19.19 7.82
CA LEU B 111 -0.68 20.59 8.19
C LEU B 111 -1.59 21.29 7.18
N GLU B 112 -1.44 20.93 5.91
CA GLU B 112 -2.23 21.53 4.85
C GLU B 112 -3.69 21.06 4.93
N LEU B 113 -3.87 19.80 5.27
CA LEU B 113 -5.21 19.23 5.39
C LEU B 113 -5.99 19.88 6.53
N LEU B 114 -5.27 20.15 7.61
CA LEU B 114 -5.75 20.83 8.81
C LEU B 114 -5.79 22.33 8.67
N ASP B 115 -5.49 22.84 7.50
CA ASP B 115 -5.54 24.26 7.20
C ASP B 115 -4.65 25.13 8.06
N GLU B 116 -3.39 24.78 8.20
CA GLU B 116 -2.46 25.56 8.96
C GLU B 116 -1.44 26.12 8.02
N PRO B 117 -1.21 27.43 8.04
CA PRO B 117 -0.26 28.07 7.13
C PRO B 117 1.16 27.65 7.47
N ILE B 118 2.00 27.39 6.48
CA ILE B 118 3.40 27.14 6.74
C ILE B 118 4.10 28.49 6.89
N PRO B 119 4.63 28.80 8.09
CA PRO B 119 5.47 30.04 8.14
C PRO B 119 6.56 30.10 7.06
N GLN B 120 6.71 31.25 6.39
CA GLN B 120 7.76 31.45 5.39
C GLN B 120 9.12 30.95 5.84
N ILE B 121 9.52 31.27 7.05
CA ILE B 121 10.81 30.85 7.54
C ILE B 121 10.98 29.31 7.47
N VAL B 122 9.93 28.58 7.90
CA VAL B 122 9.82 27.12 7.81
C VAL B 122 9.82 26.63 6.36
N ALA B 123 9.02 27.26 5.52
CA ALA B 123 9.07 26.97 4.10
C ALA B 123 10.48 27.07 3.55
N THR B 124 11.22 28.13 3.89
CA THR B 124 12.60 28.30 3.37
C THR B 124 13.52 27.20 3.87
N ASP B 125 13.40 26.83 5.14
CA ASP B 125 14.27 25.79 5.68
C ASP B 125 13.99 24.41 5.08
N VAL B 126 12.72 24.07 4.87
CA VAL B 126 12.37 22.87 4.12
C VAL B 126 13.00 22.86 2.76
N CYS B 127 12.83 23.97 2.04
CA CYS B 127 13.45 24.17 0.75
C CYS B 127 14.94 23.93 0.74
N GLN B 128 15.64 24.56 1.67
CA GLN B 128 17.10 24.42 1.74
C GLN B 128 17.47 23.01 2.05
N PHE B 129 16.69 22.40 2.94
CA PHE B 129 16.95 21.03 3.33
C PHE B 129 16.73 20.04 2.15
N LEU B 130 15.67 20.25 1.38
CA LEU B 130 15.43 19.38 0.25
C LEU B 130 16.51 19.53 -0.83
N GLU B 131 17.13 20.68 -0.84
CA GLU B 131 18.22 20.98 -1.75
C GLU B 131 19.48 20.22 -1.39
N LEU B 132 19.73 20.07 -0.09
CA LEU B 132 20.83 19.27 0.40
C LEU B 132 20.63 17.79 0.09
N CYS B 133 19.38 17.38 -0.02
CA CYS B 133 19.02 16.03 -0.36
C CYS B 133 19.06 15.75 -1.85
N GLN B 134 19.06 16.79 -2.67
CA GLN B 134 18.98 16.64 -4.09
C GLN B 134 20.32 16.14 -4.52
N SER B 135 20.34 15.18 -5.44
CA SER B 135 21.58 14.63 -5.96
C SER B 135 22.06 15.36 -7.21
N PRO B 136 23.37 15.37 -7.45
CA PRO B 136 23.77 16.10 -8.67
C PRO B 136 23.45 15.39 -9.99
N ASP B 137 23.13 14.13 -9.96
CA ASP B 137 22.80 13.49 -11.18
C ASP B 137 21.30 13.38 -11.36
N GLY B 138 20.57 14.00 -10.44
CA GLY B 138 19.11 14.06 -10.48
C GLY B 138 18.43 13.25 -9.39
N GLY B 139 17.18 13.61 -9.08
CA GLY B 139 16.45 12.94 -8.02
C GLY B 139 16.89 13.43 -6.67
N PHE B 140 16.23 12.91 -5.63
CA PHE B 140 16.56 13.21 -4.25
C PHE B 140 16.82 11.92 -3.48
N GLY B 141 17.75 11.97 -2.54
CA GLY B 141 17.94 10.90 -1.60
C GLY B 141 17.19 11.04 -0.29
N GLY B 142 17.34 10.05 0.58
CA GLY B 142 16.63 9.99 1.86
C GLY B 142 17.10 10.97 2.92
N GLY B 143 18.22 11.63 2.63
CA GLY B 143 18.81 12.64 3.45
C GLY B 143 20.02 13.25 2.75
N PRO B 144 20.67 14.24 3.38
CA PRO B 144 21.82 14.88 2.74
C PRO B 144 22.98 13.92 2.46
N GLY B 145 23.35 13.78 1.19
CA GLY B 145 24.49 12.92 0.81
C GLY B 145 24.19 11.46 0.55
N GLN B 146 22.92 11.09 0.61
CA GLN B 146 22.47 9.74 0.39
C GLN B 146 22.22 9.66 -1.10
N TYR B 147 22.37 8.50 -1.71
CA TYR B 147 22.10 8.37 -3.12
C TYR B 147 20.62 8.62 -3.38
N PRO B 148 20.28 9.05 -4.59
CA PRO B 148 18.88 9.30 -4.93
C PRO B 148 18.06 8.03 -5.08
N HIS B 149 16.76 8.14 -4.88
CA HIS B 149 15.88 7.00 -4.88
C HIS B 149 14.50 7.60 -5.20
N LEU B 150 13.66 6.88 -5.92
CA LEU B 150 12.41 7.43 -6.42
C LEU B 150 11.36 7.75 -5.35
N ALA B 151 11.33 7.03 -4.24
CA ALA B 151 10.37 7.33 -3.17
C ALA B 151 10.62 8.73 -2.52
N PRO B 152 11.83 8.96 -2.00
CA PRO B 152 12.12 10.33 -1.54
C PRO B 152 12.07 11.39 -2.63
N THR B 153 12.36 11.06 -3.88
CA THR B 153 12.15 11.98 -5.01
C THR B 153 10.65 12.38 -5.11
N TYR B 154 9.77 11.41 -5.01
CA TYR B 154 8.34 11.69 -5.02
C TYR B 154 7.91 12.57 -3.84
N ALA B 155 8.44 12.25 -2.67
CA ALA B 155 8.09 12.93 -1.43
C ALA B 155 8.52 14.36 -1.49
N ALA B 156 9.77 14.59 -1.95
CA ALA B 156 10.40 15.90 -1.95
C ALA B 156 9.61 16.77 -2.92
N VAL B 157 9.39 16.28 -4.12
CA VAL B 157 8.60 17.00 -5.10
C VAL B 157 7.23 17.31 -4.55
N ASN B 158 6.55 16.37 -3.90
CA ASN B 158 5.24 16.71 -3.31
C ASN B 158 5.33 17.78 -2.21
N ALA B 159 6.32 17.64 -1.37
CA ALA B 159 6.51 18.58 -0.31
C ALA B 159 6.75 20.00 -0.89
N LEU B 160 7.51 20.05 -2.00
CA LEU B 160 7.90 21.33 -2.59
C LEU B 160 6.65 22.03 -3.20
N CYS B 161 5.76 21.24 -3.79
CA CYS B 161 4.49 21.75 -4.25
C CYS B 161 3.53 22.16 -3.17
N ILE B 162 3.64 21.57 -1.99
CA ILE B 162 2.72 21.91 -0.91
C ILE B 162 3.11 23.31 -0.54
N ILE B 163 4.42 23.54 -0.41
CA ILE B 163 4.97 24.89 -0.19
C ILE B 163 4.65 25.83 -1.34
N GLY B 164 4.82 25.35 -2.57
CA GLY B 164 4.33 26.02 -3.78
C GLY B 164 4.62 27.50 -3.93
N THR B 165 5.84 27.92 -3.56
CA THR B 165 6.37 29.25 -3.84
C THR B 165 7.35 29.14 -5.02
N GLU B 166 7.89 30.27 -5.46
CA GLU B 166 8.95 30.26 -6.48
C GLU B 166 10.26 29.62 -6.00
N GLU B 167 10.62 29.88 -4.75
CA GLU B 167 11.82 29.32 -4.14
C GLU B 167 11.75 27.78 -4.27
N ALA B 168 10.60 27.24 -3.89
CA ALA B 168 10.36 25.82 -3.81
C ALA B 168 10.41 25.16 -5.18
N TYR B 169 9.71 25.76 -6.15
CA TYR B 169 9.67 25.22 -7.50
C TYR B 169 11.07 25.22 -8.06
N ASN B 170 11.82 26.25 -7.77
CA ASN B 170 13.14 26.39 -8.36
C ASN B 170 14.18 25.46 -7.83
N VAL B 171 13.90 24.77 -6.75
CA VAL B 171 14.79 23.80 -6.19
C VAL B 171 14.99 22.64 -7.13
N ILE B 172 13.92 22.16 -7.72
CA ILE B 172 13.95 20.99 -8.58
C ILE B 172 14.73 21.34 -9.84
N ASN B 173 15.61 20.43 -10.23
CA ASN B 173 16.48 20.60 -11.37
C ASN B 173 15.89 19.67 -12.38
N ARG B 174 15.10 20.21 -13.31
CA ARG B 174 14.24 19.35 -14.15
C ARG B 174 15.00 18.50 -15.20
N GLU B 175 16.10 19.04 -15.74
CA GLU B 175 16.86 18.30 -16.77
C GLU B 175 17.36 17.04 -16.13
N LYS B 176 17.99 17.23 -14.99
CA LYS B 176 18.63 16.14 -14.27
C LYS B 176 17.61 15.14 -13.73
N LEU B 177 16.45 15.63 -13.30
CA LEU B 177 15.37 14.75 -12.92
C LEU B 177 14.98 13.78 -14.04
N LEU B 178 14.86 14.32 -15.26
CA LEU B 178 14.54 13.50 -16.45
C LEU B 178 15.67 12.50 -16.74
N GLN B 179 16.92 12.94 -16.62
CA GLN B 179 18.04 12.02 -16.80
C GLN B 179 17.91 10.85 -15.87
N TYR B 180 17.73 11.18 -14.58
CA TYR B 180 17.63 10.17 -13.55
C TYR B 180 16.53 9.17 -13.91
N LEU B 181 15.33 9.68 -14.23
CA LEU B 181 14.18 8.80 -14.57
C LEU B 181 14.54 7.83 -15.71
N TYR B 182 15.07 8.36 -16.82
CA TYR B 182 15.56 7.52 -17.91
C TYR B 182 16.52 6.45 -17.39
N SER B 183 17.41 6.84 -16.48
CA SER B 183 18.41 5.90 -15.99
C SER B 183 17.75 4.71 -15.35
N LEU B 184 16.53 4.88 -14.81
CA LEU B 184 15.84 3.82 -14.07
C LEU B 184 14.86 3.01 -14.92
N LYS B 185 14.46 3.58 -16.07
CA LYS B 185 13.48 2.97 -16.99
C LYS B 185 13.96 1.68 -17.59
N GLN B 186 13.11 0.65 -17.56
CA GLN B 186 13.45 -0.69 -18.09
C GLN B 186 12.89 -1.01 -19.48
N PRO B 187 13.63 -1.84 -20.27
CA PRO B 187 13.08 -2.40 -21.50
C PRO B 187 11.58 -2.73 -21.39
N ASP B 188 11.17 -3.52 -20.40
CA ASP B 188 9.78 -4.02 -20.38
C ASP B 188 8.75 -3.02 -19.84
N GLY B 189 9.08 -1.72 -19.83
CA GLY B 189 8.15 -0.67 -19.42
C GLY B 189 8.23 -0.20 -17.96
N SER B 190 8.83 -1.04 -17.10
CA SER B 190 8.88 -0.80 -15.65
C SER B 190 10.03 0.11 -15.25
N PHE B 191 10.03 0.53 -13.97
CA PHE B 191 11.14 1.35 -13.41
C PHE B 191 11.83 0.76 -12.19
N LEU B 192 13.13 0.95 -12.11
CA LEU B 192 13.86 0.65 -10.91
C LEU B 192 13.54 1.71 -9.85
N MET B 193 13.49 1.33 -8.56
CA MET B 193 13.32 2.28 -7.45
C MET B 193 14.59 3.14 -7.32
N HIS B 194 15.75 2.54 -7.53
CA HIS B 194 17.01 3.31 -7.58
C HIS B 194 18.04 2.55 -8.40
N VAL B 195 19.16 3.17 -8.72
CA VAL B 195 20.20 2.48 -9.51
C VAL B 195 20.64 1.19 -8.78
N GLY B 196 20.68 0.08 -9.48
CA GLY B 196 20.99 -1.19 -8.84
C GLY B 196 19.99 -1.64 -7.79
N GLY B 197 18.79 -1.05 -7.80
CA GLY B 197 17.69 -1.49 -6.91
C GLY B 197 16.71 -2.35 -7.70
N GLU B 198 15.51 -2.51 -7.17
CA GLU B 198 14.55 -3.37 -7.84
C GLU B 198 13.32 -2.64 -8.32
N VAL B 199 12.51 -3.35 -9.08
CA VAL B 199 11.27 -2.88 -9.65
C VAL B 199 10.00 -3.18 -8.81
N ASP B 200 9.07 -2.23 -8.78
CA ASP B 200 7.68 -2.58 -8.55
C ASP B 200 6.76 -1.42 -8.90
N VAL B 201 5.45 -1.68 -8.92
CA VAL B 201 4.48 -0.68 -9.39
C VAL B 201 4.58 0.64 -8.69
N ARG B 202 5.11 0.62 -7.49
CA ARG B 202 5.32 1.84 -6.70
C ARG B 202 6.21 2.81 -7.46
N SER B 203 7.23 2.29 -8.14
CA SER B 203 8.22 3.12 -8.81
C SER B 203 7.61 3.81 -10.04
N ALA B 204 6.70 3.09 -10.71
CA ALA B 204 5.98 3.66 -11.87
C ALA B 204 5.20 4.90 -11.45
N TYR B 205 4.37 4.76 -10.42
CA TYR B 205 3.62 5.91 -9.87
C TYR B 205 4.52 7.05 -9.47
N CYS B 206 5.59 6.73 -8.74
CA CYS B 206 6.51 7.75 -8.27
C CYS B 206 7.04 8.54 -9.45
N ALA B 207 7.59 7.81 -10.44
CA ALA B 207 8.02 8.41 -11.73
C ALA B 207 6.92 9.22 -12.42
N ALA B 208 5.72 8.64 -12.54
CA ALA B 208 4.59 9.32 -13.23
C ALA B 208 4.21 10.63 -12.52
N SER B 209 4.29 10.60 -11.18
CA SER B 209 3.87 11.72 -10.36
C SER B 209 4.79 12.92 -10.50
N VAL B 210 6.08 12.69 -10.34
CA VAL B 210 7.04 13.79 -10.47
C VAL B 210 7.19 14.27 -11.92
N ALA B 211 7.04 13.35 -12.86
CA ALA B 211 7.19 13.69 -14.29
C ALA B 211 6.09 14.65 -14.70
N SER B 212 4.86 14.32 -14.30
CA SER B 212 3.72 15.07 -14.72
C SER B 212 3.55 16.39 -13.96
N LEU B 213 3.90 16.47 -12.68
CA LEU B 213 3.82 17.75 -11.98
C LEU B 213 4.81 18.75 -12.59
N THR B 214 6.02 18.27 -12.89
CA THR B 214 7.10 19.13 -13.38
C THR B 214 7.19 19.25 -14.92
N ASN B 215 6.28 18.61 -15.65
CA ASN B 215 6.24 18.74 -17.11
C ASN B 215 7.56 18.32 -17.76
N ILE B 216 7.99 17.11 -17.43
CA ILE B 216 9.15 16.54 -18.07
C ILE B 216 8.78 15.29 -18.86
N ILE B 217 7.48 15.02 -19.00
CA ILE B 217 7.05 13.83 -19.73
C ILE B 217 7.35 13.96 -21.23
N THR B 218 8.22 13.08 -21.75
CA THR B 218 8.55 12.95 -23.17
C THR B 218 7.78 11.77 -23.74
N PRO B 219 7.59 11.72 -25.07
CA PRO B 219 6.70 10.71 -25.61
C PRO B 219 7.22 9.27 -25.56
N ASP B 220 8.51 9.08 -25.31
CA ASP B 220 9.02 7.71 -25.08
C ASP B 220 9.15 7.32 -23.59
N LEU B 221 9.21 8.29 -22.67
CA LEU B 221 9.44 7.98 -21.23
C LEU B 221 8.61 6.81 -20.70
N PHE B 222 7.31 6.83 -20.93
CA PHE B 222 6.39 5.86 -20.30
C PHE B 222 5.86 4.78 -21.23
N GLU B 223 6.61 4.56 -22.29
CA GLU B 223 6.33 3.53 -23.26
C GLU B 223 6.48 2.18 -22.58
N GLY B 224 5.44 1.38 -22.68
CA GLY B 224 5.36 0.09 -22.04
C GLY B 224 4.87 0.10 -20.60
N THR B 225 4.86 1.26 -19.96
CA THR B 225 4.61 1.36 -18.52
C THR B 225 3.17 0.95 -18.17
N ALA B 226 2.20 1.48 -18.91
CA ALA B 226 0.79 1.17 -18.65
C ALA B 226 0.54 -0.31 -18.82
N GLU B 227 1.23 -0.90 -19.76
CA GLU B 227 1.07 -2.31 -20.08
C GLU B 227 1.71 -3.22 -19.05
N TRP B 228 2.86 -2.80 -18.50
CA TRP B 228 3.48 -3.47 -17.35
C TRP B 228 2.59 -3.38 -16.06
N ILE B 229 2.11 -2.18 -15.72
CA ILE B 229 1.14 -2.04 -14.62
C ILE B 229 -0.07 -2.99 -14.82
N ALA B 230 -0.58 -3.06 -16.06
CA ALA B 230 -1.75 -3.92 -16.33
C ALA B 230 -1.48 -5.37 -16.02
N ARG B 231 -0.23 -5.84 -16.20
CA ARG B 231 0.10 -7.24 -15.89
C ARG B 231 0.09 -7.52 -14.38
N CYS B 232 0.05 -6.45 -13.59
CA CYS B 232 0.09 -6.55 -12.14
C CYS B 232 -1.32 -6.77 -11.59
N GLN B 233 -2.35 -6.46 -12.37
CA GLN B 233 -3.69 -6.80 -11.95
C GLN B 233 -3.79 -8.31 -11.99
N ASN B 234 -4.39 -8.92 -10.97
CA ASN B 234 -4.47 -10.37 -10.88
C ASN B 234 -5.92 -10.85 -10.77
N TRP B 235 -6.06 -12.13 -10.44
CA TRP B 235 -7.33 -12.79 -10.33
C TRP B 235 -8.30 -12.23 -9.28
N GLU B 236 -7.79 -11.38 -8.38
CA GLU B 236 -8.61 -10.84 -7.32
C GLU B 236 -9.31 -9.60 -7.77
N GLY B 237 -8.76 -8.98 -8.82
CA GLY B 237 -9.20 -7.65 -9.25
C GLY B 237 -8.25 -6.52 -8.91
N GLY B 238 -7.50 -6.67 -7.83
CA GLY B 238 -6.56 -5.62 -7.38
C GLY B 238 -5.22 -5.74 -8.09
N ILE B 239 -4.26 -4.92 -7.69
CA ILE B 239 -2.91 -4.93 -8.30
C ILE B 239 -1.91 -5.33 -7.22
N GLY B 240 -0.96 -6.19 -7.61
CA GLY B 240 0.19 -6.62 -6.79
C GLY B 240 1.44 -5.84 -7.15
N GLY B 241 2.52 -5.96 -6.36
CA GLY B 241 3.70 -5.12 -6.59
C GLY B 241 4.40 -5.48 -7.87
N VAL B 242 4.46 -6.77 -8.17
CA VAL B 242 4.93 -7.26 -9.46
C VAL B 242 4.01 -8.40 -9.96
N PRO B 243 4.03 -8.68 -11.27
CA PRO B 243 3.17 -9.72 -11.84
C PRO B 243 3.23 -11.01 -11.07
N GLY B 244 2.07 -11.53 -10.70
CA GLY B 244 1.95 -12.78 -9.98
C GLY B 244 1.68 -12.65 -8.51
N MET B 245 1.92 -11.45 -7.99
CA MET B 245 1.82 -11.23 -6.55
C MET B 245 0.40 -10.90 -6.08
N GLU B 246 0.14 -11.21 -4.82
CA GLU B 246 -1.12 -10.89 -4.16
C GLU B 246 -1.53 -9.43 -4.33
N ALA B 247 -2.82 -9.21 -4.50
CA ALA B 247 -3.41 -7.88 -4.56
C ALA B 247 -3.29 -7.12 -3.22
N HIS B 248 -2.81 -5.88 -3.31
CA HIS B 248 -2.50 -5.08 -2.16
C HIS B 248 -2.92 -3.62 -2.34
N GLY B 249 -3.54 -3.08 -1.29
CA GLY B 249 -4.12 -1.74 -1.36
C GLY B 249 -3.16 -0.66 -1.77
N GLY B 250 -1.94 -0.69 -1.21
CA GLY B 250 -0.94 0.29 -1.55
C GLY B 250 -0.47 0.20 -2.99
N TYR B 251 -0.22 -1.01 -3.48
CA TYR B 251 0.18 -1.14 -4.89
C TYR B 251 -0.95 -0.83 -5.85
N THR B 252 -2.19 -1.16 -5.46
CA THR B 252 -3.35 -0.92 -6.33
C THR B 252 -3.53 0.57 -6.48
N PHE B 253 -3.40 1.29 -5.38
CA PHE B 253 -3.45 2.73 -5.46
C PHE B 253 -2.46 3.25 -6.46
N CYS B 254 -1.20 2.88 -6.29
CA CYS B 254 -0.11 3.32 -7.16
C CYS B 254 -0.31 2.98 -8.63
N GLY B 255 -0.83 1.78 -8.92
CA GLY B 255 -1.04 1.38 -10.30
C GLY B 255 -2.12 2.23 -10.98
N LEU B 256 -3.30 2.25 -10.35
CA LEU B 256 -4.41 3.02 -10.89
C LEU B 256 -4.03 4.45 -11.05
N ALA B 257 -3.48 5.06 -10.00
CA ALA B 257 -3.11 6.48 -10.07
C ALA B 257 -2.09 6.78 -11.20
N ALA B 258 -1.11 5.89 -11.38
CA ALA B 258 -0.12 6.07 -12.45
C ALA B 258 -0.85 6.02 -13.78
N LEU B 259 -1.84 5.13 -13.87
CA LEU B 259 -2.66 5.03 -15.09
C LEU B 259 -3.56 6.25 -15.34
N VAL B 260 -4.18 6.79 -14.30
CA VAL B 260 -4.88 8.07 -14.46
C VAL B 260 -3.93 9.14 -14.98
N ILE B 261 -2.70 9.21 -14.46
CA ILE B 261 -1.79 10.25 -14.90
C ILE B 261 -1.48 9.99 -16.36
N LEU B 262 -1.18 8.74 -16.71
CA LEU B 262 -0.82 8.38 -18.09
C LEU B 262 -2.03 8.38 -19.05
N LYS B 263 -3.23 8.54 -18.51
CA LYS B 263 -4.48 8.47 -19.29
C LYS B 263 -4.65 7.12 -19.95
N LYS B 264 -4.48 6.05 -19.21
CA LYS B 264 -4.63 4.75 -19.77
C LYS B 264 -5.41 3.99 -18.77
N GLU B 265 -6.19 4.72 -18.02
CA GLU B 265 -7.11 4.13 -17.10
C GLU B 265 -7.59 2.84 -17.71
N ARG B 266 -7.94 2.88 -18.98
CA ARG B 266 -8.59 1.78 -19.66
C ARG B 266 -7.79 0.48 -19.83
N SER B 267 -6.50 0.50 -19.54
CA SER B 267 -5.70 -0.70 -19.64
C SER B 267 -6.09 -1.80 -18.67
N LEU B 268 -6.84 -1.47 -17.64
CA LEU B 268 -7.21 -2.39 -16.56
C LEU B 268 -8.66 -2.87 -16.60
N ASN B 269 -8.94 -4.06 -16.09
CA ASN B 269 -10.33 -4.42 -15.80
C ASN B 269 -10.85 -3.60 -14.60
N LEU B 270 -11.41 -2.44 -14.92
CA LEU B 270 -11.94 -1.56 -13.89
C LEU B 270 -13.12 -2.16 -13.12
N LYS B 271 -13.87 -3.10 -13.70
CA LYS B 271 -15.04 -3.66 -13.01
C LYS B 271 -14.57 -4.58 -11.86
N SER B 272 -13.60 -5.46 -12.14
CA SER B 272 -13.09 -6.33 -11.09
C SER B 272 -12.23 -5.56 -10.04
N LEU B 273 -11.54 -4.52 -10.44
CA LEU B 273 -10.91 -3.65 -9.49
C LEU B 273 -11.92 -3.00 -8.51
N LEU B 274 -13.03 -2.52 -9.05
CA LEU B 274 -14.04 -1.94 -8.21
C LEU B 274 -14.57 -2.98 -7.25
N GLN B 275 -14.86 -4.19 -7.70
CA GLN B 275 -15.48 -5.10 -6.72
C GLN B 275 -14.45 -5.48 -5.62
N TRP B 276 -13.17 -5.44 -6.00
CA TRP B 276 -12.06 -5.73 -5.07
C TRP B 276 -11.91 -4.63 -3.99
N VAL B 277 -11.82 -3.38 -4.42
CA VAL B 277 -11.57 -2.34 -3.46
C VAL B 277 -12.75 -2.24 -2.50
N THR B 278 -13.98 -2.29 -3.00
CA THR B 278 -15.15 -2.13 -2.14
C THR B 278 -15.22 -3.24 -1.11
N SER B 279 -14.84 -4.45 -1.54
CA SER B 279 -14.71 -5.62 -0.64
C SER B 279 -13.75 -5.49 0.53
N ARG B 280 -12.74 -4.63 0.41
CA ARG B 280 -11.74 -4.44 1.50
C ARG B 280 -12.22 -3.51 2.67
N GLN B 281 -13.44 -3.00 2.59
CA GLN B 281 -13.99 -2.27 3.72
C GLN B 281 -14.59 -3.27 4.67
N MET B 282 -14.24 -3.18 5.96
CA MET B 282 -14.60 -4.21 6.91
C MET B 282 -16.00 -3.96 7.45
N ARG B 283 -16.85 -4.97 7.32
CA ARG B 283 -18.24 -4.85 7.78
C ARG B 283 -18.31 -4.34 9.25
N PHE B 284 -17.37 -4.76 10.09
CA PHE B 284 -17.50 -4.38 11.46
C PHE B 284 -16.77 -3.09 11.82
N GLU B 285 -15.48 -3.02 11.54
CA GLU B 285 -14.67 -1.91 11.98
C GLU B 285 -15.01 -0.63 11.23
N GLY B 286 -15.36 -0.74 9.94
CA GLY B 286 -15.62 0.46 9.11
C GLY B 286 -14.42 0.98 8.34
N GLY B 287 -13.24 0.59 8.81
CA GLY B 287 -12.00 0.87 8.13
C GLY B 287 -11.79 -0.10 7.01
N PHE B 288 -10.66 0.07 6.36
CA PHE B 288 -10.23 -0.79 5.32
C PHE B 288 -9.04 -1.64 5.75
N GLN B 289 -8.98 -2.85 5.17
CA GLN B 289 -7.78 -3.71 5.17
C GLN B 289 -6.97 -3.57 3.88
N GLY B 290 -5.71 -3.98 3.92
CA GLY B 290 -4.79 -3.80 2.79
C GLY B 290 -4.92 -4.92 1.78
N ARG B 291 -5.27 -6.07 2.31
CA ARG B 291 -5.43 -7.29 1.56
C ARG B 291 -6.58 -8.09 2.18
N CYS B 292 -7.11 -8.98 1.37
CA CYS B 292 -8.14 -9.89 1.75
C CYS B 292 -7.71 -10.76 2.90
N ASN B 293 -8.62 -10.99 3.85
CA ASN B 293 -8.32 -11.79 5.03
C ASN B 293 -7.19 -11.25 5.98
N LYS B 294 -6.90 -9.96 5.93
CA LYS B 294 -5.99 -9.33 6.93
C LYS B 294 -6.69 -8.25 7.80
N LEU B 295 -5.93 -7.59 8.68
CA LEU B 295 -6.55 -6.72 9.67
C LEU B 295 -6.77 -5.32 9.13
N VAL B 296 -7.73 -4.63 9.73
CA VAL B 296 -8.00 -3.24 9.42
C VAL B 296 -6.77 -2.43 9.74
N ASP B 297 -6.63 -1.26 9.14
CA ASP B 297 -5.52 -0.37 9.39
C ASP B 297 -5.79 1.04 8.84
N GLY B 298 -5.77 2.00 9.76
CA GLY B 298 -5.93 3.41 9.47
C GLY B 298 -5.32 3.95 8.21
N CYS B 299 -4.14 3.50 7.79
CA CYS B 299 -3.52 4.12 6.59
C CYS B 299 -4.21 3.73 5.31
N TYR B 300 -4.81 2.55 5.26
CA TYR B 300 -5.60 2.17 4.08
C TYR B 300 -6.85 3.02 3.93
N SER B 301 -7.21 3.80 4.95
CA SER B 301 -8.23 4.79 4.77
C SER B 301 -7.88 5.68 3.56
N PHE B 302 -6.61 5.85 3.23
CA PHE B 302 -6.26 6.55 2.02
C PHE B 302 -6.04 5.60 0.83
N TRP B 303 -5.13 4.66 0.94
CA TRP B 303 -4.73 3.94 -0.25
C TRP B 303 -5.88 3.17 -0.88
N GLN B 304 -6.75 2.60 -0.05
CA GLN B 304 -7.98 1.93 -0.56
C GLN B 304 -9.13 2.91 -0.83
N ALA B 305 -9.51 3.74 0.14
CA ALA B 305 -10.68 4.57 -0.12
C ALA B 305 -10.37 5.61 -1.19
N GLY B 306 -9.11 6.02 -1.34
CA GLY B 306 -8.69 6.94 -2.45
C GLY B 306 -8.74 6.36 -3.87
N LEU B 307 -8.85 5.04 -4.00
CA LEU B 307 -9.14 4.44 -5.29
C LEU B 307 -10.56 4.81 -5.80
N LEU B 308 -11.52 4.98 -4.88
CA LEU B 308 -12.91 5.24 -5.29
C LEU B 308 -13.07 6.52 -6.10
N PRO B 309 -12.49 7.62 -5.63
CA PRO B 309 -12.57 8.77 -6.52
C PRO B 309 -11.87 8.53 -7.86
N LEU B 310 -10.84 7.69 -7.87
CA LEU B 310 -10.10 7.51 -9.09
C LEU B 310 -10.94 6.66 -10.07
N LEU B 311 -11.62 5.64 -9.57
CA LEU B 311 -12.55 4.88 -10.38
C LEU B 311 -13.76 5.72 -10.79
N HIS B 312 -14.20 6.62 -9.92
CA HIS B 312 -15.35 7.42 -10.24
C HIS B 312 -15.08 8.26 -11.47
N ARG B 313 -13.89 8.83 -11.55
CA ARG B 313 -13.56 9.70 -12.66
C ARG B 313 -13.34 8.85 -13.90
N ALA B 314 -12.81 7.66 -13.72
CA ALA B 314 -12.49 6.81 -14.86
C ALA B 314 -13.76 6.28 -15.51
N LEU B 315 -14.72 5.84 -14.71
CA LEU B 315 -15.94 5.27 -15.25
C LEU B 315 -16.79 6.37 -15.86
N HIS B 316 -16.86 7.51 -15.19
CA HIS B 316 -17.50 8.70 -15.72
C HIS B 316 -16.93 9.08 -17.09
N ALA B 317 -15.63 8.99 -17.27
CA ALA B 317 -15.05 9.36 -18.57
C ALA B 317 -15.40 8.36 -19.69
N GLN B 318 -16.27 7.41 -19.34
CA GLN B 318 -16.64 6.31 -20.18
C GLN B 318 -18.15 6.19 -20.27
N GLY B 319 -18.85 7.22 -19.86
CA GLY B 319 -20.27 7.23 -19.92
C GLY B 319 -21.04 6.60 -18.79
N ASP B 320 -20.39 5.83 -17.95
CA ASP B 320 -21.15 5.17 -16.91
C ASP B 320 -22.21 6.13 -16.44
N PRO B 321 -23.46 5.73 -16.60
CA PRO B 321 -24.57 6.62 -16.33
C PRO B 321 -25.18 6.21 -15.04
N ALA B 322 -24.62 5.17 -14.47
CA ALA B 322 -25.12 4.69 -13.19
C ALA B 322 -24.40 5.27 -11.95
N LEU B 323 -23.41 6.12 -12.16
CA LEU B 323 -22.64 6.69 -11.04
C LEU B 323 -23.47 7.64 -10.19
N SER B 324 -23.30 7.55 -8.86
CA SER B 324 -23.90 8.51 -7.92
C SER B 324 -23.34 9.92 -8.15
N MET B 325 -24.18 10.93 -7.95
CA MET B 325 -23.71 12.32 -8.07
C MET B 325 -23.51 12.94 -6.67
N SER B 326 -23.55 12.12 -5.63
CA SER B 326 -23.35 12.61 -4.26
C SER B 326 -22.35 11.81 -3.39
N HIS B 327 -22.17 10.51 -3.64
CA HIS B 327 -21.33 9.71 -2.79
C HIS B 327 -20.34 8.84 -3.58
N TRP B 328 -19.17 8.65 -3.02
CA TRP B 328 -18.20 7.68 -3.56
C TRP B 328 -18.74 6.29 -3.27
N MET B 329 -18.22 5.28 -3.96
CA MET B 329 -18.74 3.92 -3.79
C MET B 329 -18.11 3.14 -2.61
N PHE B 330 -18.25 3.68 -1.39
CA PHE B 330 -17.88 3.02 -0.11
C PHE B 330 -18.68 3.69 1.02
N HIS B 331 -18.69 3.14 2.24
CA HIS B 331 -19.46 3.71 3.35
C HIS B 331 -18.65 4.83 3.94
N GLN B 332 -18.81 6.03 3.41
CA GLN B 332 -18.07 7.18 3.89
C GLN B 332 -18.25 7.44 5.36
N GLN B 333 -19.48 7.34 5.82
CA GLN B 333 -19.75 7.56 7.23
C GLN B 333 -19.01 6.57 8.14
N ALA B 334 -18.98 5.30 7.79
CA ALA B 334 -18.35 4.29 8.68
C ALA B 334 -16.83 4.48 8.71
N LEU B 335 -16.22 4.90 7.60
CA LEU B 335 -14.80 5.17 7.62
C LEU B 335 -14.48 6.33 8.57
N GLN B 336 -15.34 7.36 8.60
CA GLN B 336 -15.08 8.50 9.46
C GLN B 336 -15.19 8.05 10.90
N GLU B 337 -16.19 7.23 11.18
CA GLU B 337 -16.40 6.70 12.52
C GLU B 337 -15.19 5.93 13.01
N TYR B 338 -14.64 5.09 12.13
CA TYR B 338 -13.48 4.30 12.45
C TYR B 338 -12.28 5.23 12.75
N ILE B 339 -11.99 6.13 11.83
CA ILE B 339 -10.89 7.03 12.00
C ILE B 339 -11.05 7.88 13.27
N LEU B 340 -12.22 8.52 13.44
CA LEU B 340 -12.42 9.44 14.57
C LEU B 340 -12.45 8.74 15.94
N MET B 341 -12.95 7.52 16.01
CA MET B 341 -13.13 6.85 17.30
C MET B 341 -11.98 5.94 17.70
N CYS B 342 -11.30 5.35 16.70
CA CYS B 342 -10.27 4.30 16.90
C CYS B 342 -8.86 4.70 16.46
N CYS B 343 -8.71 5.82 15.77
CA CYS B 343 -7.41 6.14 15.16
C CYS B 343 -6.73 7.37 15.70
N GLN B 344 -7.37 8.06 16.62
CA GLN B 344 -6.81 9.24 17.23
C GLN B 344 -6.08 8.94 18.52
N CYS B 345 -4.91 9.52 18.65
CA CYS B 345 -4.19 9.49 19.89
C CYS B 345 -4.61 10.74 20.70
N PRO B 346 -5.00 10.58 21.96
CA PRO B 346 -5.44 11.75 22.74
C PRO B 346 -4.32 12.77 22.89
N ALA B 347 -3.09 12.27 22.96
CA ALA B 347 -1.91 13.15 22.99
C ALA B 347 -1.68 13.96 21.68
N GLY B 348 -2.28 13.52 20.56
CA GLY B 348 -1.99 14.13 19.24
C GLY B 348 -1.44 13.10 18.26
N GLY B 349 -1.69 13.31 16.96
CA GLY B 349 -1.28 12.36 15.92
C GLY B 349 -2.26 11.20 15.79
N LEU B 350 -2.10 10.39 14.76
CA LEU B 350 -3.05 9.27 14.55
C LEU B 350 -2.34 7.96 14.33
N LEU B 351 -3.14 6.90 14.26
CA LEU B 351 -2.59 5.55 14.30
C LEU B 351 -3.33 4.49 13.48
N ASP B 352 -2.63 3.37 13.31
CA ASP B 352 -3.10 2.18 12.62
C ASP B 352 -4.37 1.69 13.26
N LYS B 353 -4.29 1.25 14.50
CA LYS B 353 -5.49 0.83 15.22
C LYS B 353 -5.35 1.04 16.75
N PRO B 354 -6.44 0.91 17.51
CA PRO B 354 -6.29 1.12 18.96
C PRO B 354 -5.17 0.23 19.51
N GLY B 355 -4.37 0.77 20.42
CA GLY B 355 -3.29 -0.02 21.02
C GLY B 355 -1.99 0.03 20.29
N LYS B 356 -1.94 0.70 19.13
CA LYS B 356 -0.68 0.95 18.41
C LYS B 356 -0.28 2.32 18.79
N SER B 357 0.90 2.74 18.39
CA SER B 357 1.34 4.06 18.74
C SER B 357 1.45 4.97 17.54
N ARG B 358 1.25 6.26 17.79
CA ARG B 358 1.14 7.25 16.76
C ARG B 358 2.40 7.37 15.98
N ASP B 359 2.31 7.85 14.75
CA ASP B 359 3.48 8.25 13.99
C ASP B 359 3.01 9.18 12.88
N PHE B 360 3.96 9.81 12.20
CA PHE B 360 3.64 10.83 11.21
C PHE B 360 3.02 10.24 9.92
N TYR B 361 3.44 9.05 9.54
CA TYR B 361 2.84 8.34 8.45
C TYR B 361 1.32 8.12 8.63
N HIS B 362 0.89 7.58 9.77
CA HIS B 362 -0.51 7.33 9.98
C HIS B 362 -1.28 8.62 10.16
N THR B 363 -0.62 9.63 10.75
CA THR B 363 -1.25 10.93 10.84
C THR B 363 -1.55 11.46 9.43
N CYS B 364 -0.61 11.28 8.53
CA CYS B 364 -0.80 11.79 7.20
C CYS B 364 -1.96 11.12 6.46
N TYR B 365 -1.96 9.78 6.44
CA TYR B 365 -2.91 9.00 5.65
C TYR B 365 -4.25 8.79 6.31
N CYS B 366 -4.31 8.72 7.63
CA CYS B 366 -5.61 8.78 8.29
C CYS B 366 -6.32 10.09 7.95
N LEU B 367 -5.60 11.20 8.02
CA LEU B 367 -6.22 12.45 7.72
C LEU B 367 -6.59 12.52 6.22
N SER B 368 -5.70 12.11 5.34
CA SER B 368 -6.03 12.09 3.90
C SER B 368 -7.30 11.22 3.66
N GLY B 369 -7.36 10.04 4.25
CA GLY B 369 -8.58 9.23 4.15
C GLY B 369 -9.81 9.94 4.67
N LEU B 370 -9.71 10.63 5.81
CA LEU B 370 -10.84 11.39 6.36
C LEU B 370 -11.29 12.41 5.32
N SER B 371 -10.35 13.14 4.73
CA SER B 371 -10.72 14.16 3.77
C SER B 371 -11.57 13.60 2.61
N ILE B 372 -11.09 12.49 2.06
CA ILE B 372 -11.77 11.82 0.99
C ILE B 372 -13.16 11.44 1.44
N ALA B 373 -13.29 10.83 2.60
CA ALA B 373 -14.59 10.38 3.02
C ALA B 373 -15.57 11.58 3.26
N GLN B 374 -15.02 12.76 3.50
CA GLN B 374 -15.81 13.95 3.69
C GLN B 374 -16.25 14.63 2.37
N HIS B 375 -15.39 14.61 1.34
CA HIS B 375 -15.56 15.43 0.11
C HIS B 375 -15.78 14.65 -1.20
N PHE B 376 -16.97 14.84 -1.76
CA PHE B 376 -17.34 14.30 -3.06
C PHE B 376 -17.41 15.41 -4.10
N GLY B 377 -16.81 15.15 -5.27
CA GLY B 377 -16.75 16.09 -6.39
C GLY B 377 -16.61 15.39 -7.74
N SER B 378 -17.67 15.48 -8.57
CA SER B 378 -17.73 14.90 -9.94
C SER B 378 -18.42 15.88 -10.91
N GLY B 379 -17.67 16.85 -11.44
CA GLY B 379 -18.21 17.84 -12.38
C GLY B 379 -18.56 19.12 -11.66
N ALA B 380 -19.82 19.53 -11.71
CA ALA B 380 -20.31 20.65 -10.87
C ALA B 380 -21.03 20.13 -9.61
N MET B 381 -21.04 18.82 -9.44
CA MET B 381 -21.65 18.15 -8.31
C MET B 381 -20.66 18.05 -7.15
N LEU B 382 -20.90 18.80 -6.08
CA LEU B 382 -20.07 18.77 -4.88
C LEU B 382 -21.03 18.37 -3.79
N HIS B 383 -20.68 17.39 -2.96
CA HIS B 383 -21.49 17.02 -1.78
C HIS B 383 -20.61 16.54 -0.62
N ASP B 384 -20.80 17.11 0.56
CA ASP B 384 -20.03 16.73 1.74
C ASP B 384 -20.83 15.91 2.74
N VAL B 385 -20.11 15.09 3.50
CA VAL B 385 -20.62 14.43 4.69
C VAL B 385 -19.58 14.72 5.78
N VAL B 386 -19.96 15.42 6.83
CA VAL B 386 -19.01 15.66 7.92
C VAL B 386 -19.57 15.03 9.13
N MET B 387 -19.15 13.85 9.47
CA MET B 387 -19.59 13.22 10.70
C MET B 387 -18.99 13.92 11.88
N GLY B 388 -19.70 13.85 12.98
CA GLY B 388 -19.21 14.43 14.23
C GLY B 388 -19.48 15.92 14.26
N VAL B 389 -18.64 16.68 14.94
CA VAL B 389 -18.88 18.13 14.99
C VAL B 389 -18.42 18.74 13.68
N PRO B 390 -19.00 19.89 13.31
CA PRO B 390 -18.74 20.50 11.97
C PRO B 390 -17.34 21.05 11.79
N GLU B 391 -16.70 21.42 12.88
CA GLU B 391 -15.29 21.79 12.83
C GLU B 391 -14.37 20.64 12.35
N ASN B 392 -14.87 19.40 12.29
CA ASN B 392 -14.08 18.28 11.79
C ASN B 392 -13.65 18.42 10.29
N VAL B 393 -14.35 19.21 9.54
CA VAL B 393 -14.12 19.23 8.14
C VAL B 393 -12.72 19.63 7.78
N LEU B 394 -12.13 18.85 6.91
CA LEU B 394 -10.77 19.07 6.47
C LEU B 394 -10.74 19.69 5.10
N GLN B 395 -9.58 20.22 4.74
CA GLN B 395 -9.34 20.71 3.40
C GLN B 395 -9.34 19.52 2.46
N PRO B 396 -9.76 19.73 1.19
CA PRO B 396 -9.81 18.57 0.29
C PRO B 396 -8.40 18.12 -0.16
N THR B 397 -8.27 16.88 -0.63
CA THR B 397 -6.97 16.38 -1.19
C THR B 397 -7.14 15.83 -2.61
N HIS B 398 -6.15 16.05 -3.47
CA HIS B 398 -6.21 15.45 -4.82
C HIS B 398 -5.95 13.93 -4.76
N PRO B 399 -6.88 13.11 -5.24
CA PRO B 399 -6.66 11.65 -5.09
C PRO B 399 -5.55 11.03 -5.90
N VAL B 400 -4.99 11.76 -6.85
CA VAL B 400 -3.87 11.21 -7.61
C VAL B 400 -2.58 11.44 -6.85
N TYR B 401 -2.39 12.64 -6.35
CA TYR B 401 -1.10 13.10 -5.78
C TYR B 401 -1.11 13.18 -4.25
N ASN B 402 -2.29 13.27 -3.65
CA ASN B 402 -2.46 13.46 -2.23
C ASN B 402 -1.69 14.68 -1.76
N ILE B 403 -1.80 15.76 -2.55
CA ILE B 403 -1.59 17.13 -2.07
C ILE B 403 -2.88 17.86 -2.42
N GLY B 404 -3.00 19.11 -1.98
CA GLY B 404 -4.23 19.86 -2.22
C GLY B 404 -4.44 20.12 -3.69
N PRO B 405 -5.70 19.97 -4.18
CA PRO B 405 -6.01 20.24 -5.60
C PRO B 405 -5.52 21.60 -6.12
N ASP B 406 -5.46 22.60 -5.25
CA ASP B 406 -4.93 23.90 -5.60
C ASP B 406 -3.43 23.92 -5.84
N LYS B 407 -2.71 23.20 -4.98
CA LYS B 407 -1.27 23.00 -5.14
C LYS B 407 -0.98 22.27 -6.44
N VAL B 408 -1.81 21.29 -6.79
CA VAL B 408 -1.62 20.56 -8.06
C VAL B 408 -1.69 21.52 -9.28
N ILE B 409 -2.79 22.27 -9.36
CA ILE B 409 -3.02 23.35 -10.34
C ILE B 409 -1.90 24.36 -10.36
N GLN B 410 -1.61 24.94 -9.22
CA GLN B 410 -0.60 25.94 -9.19
C GLN B 410 0.75 25.44 -9.75
N ALA B 411 1.14 24.21 -9.41
CA ALA B 411 2.43 23.70 -9.83
C ALA B 411 2.43 23.30 -11.30
N THR B 412 1.42 22.56 -11.73
CA THR B 412 1.32 22.14 -13.14
C THR B 412 1.29 23.35 -14.05
N THR B 413 0.46 24.35 -13.69
CA THR B 413 0.42 25.60 -14.46
C THR B 413 1.84 26.14 -14.54
N HIS B 414 2.45 26.43 -13.41
CA HIS B 414 3.80 26.96 -13.40
C HIS B 414 4.85 26.21 -14.18
N PHE B 415 4.77 24.90 -14.24
CA PHE B 415 5.78 24.10 -14.94
C PHE B 415 5.46 23.92 -16.43
N LEU B 416 4.20 24.15 -16.81
CA LEU B 416 3.85 24.21 -18.24
C LEU B 416 4.41 25.48 -18.89
N GLN B 417 4.67 26.53 -18.12
CA GLN B 417 5.44 27.69 -18.61
C GLN B 417 6.77 27.31 -19.24
N LYS B 418 7.32 26.15 -18.93
CA LYS B 418 8.65 25.79 -19.37
C LYS B 418 8.57 24.66 -20.36
N PRO B 419 9.59 24.51 -21.22
CA PRO B 419 9.55 23.43 -22.16
C PRO B 419 10.08 22.12 -21.57
N VAL B 420 9.44 21.02 -21.95
CA VAL B 420 9.92 19.68 -21.69
C VAL B 420 11.38 19.58 -22.13
N PRO B 421 12.29 19.19 -21.21
CA PRO B 421 13.71 19.28 -21.54
C PRO B 421 14.04 18.43 -22.75
N GLY B 422 14.79 19.02 -23.67
CA GLY B 422 15.04 18.39 -24.99
C GLY B 422 13.99 18.76 -26.03
N PHE B 423 12.79 19.11 -25.56
CA PHE B 423 11.68 19.68 -26.36
C PHE B 423 11.09 18.61 -27.31
ZN ZN C . -0.85 1.37 8.59
C1 FPP D . 2.98 -5.27 3.12
O1 FPP D . 1.89 -5.27 4.08
C2 FPP D . 2.87 -4.25 2.19
C3 FPP D . 3.95 -3.74 1.49
C4 FPP D . 5.35 -4.34 1.70
C5 FPP D . 3.70 -2.61 0.48
C6 FPP D . 3.14 -1.28 1.08
C7 FPP D . 3.05 -0.26 0.11
C8 FPP D . 2.33 0.93 0.12
C10 FPP D . 1.41 1.24 1.34
C9 FPP D . 2.45 1.81 -1.13
C11 FPP D . 2.85 3.28 -0.94
C12 FPP D . 4.10 3.60 -1.50
C13 FPP D . 4.52 4.67 -2.32
C14 FPP D . 6.00 4.76 -2.74
C15 FPP D . 3.57 5.78 -2.79
PA FPP D . 2.13 -5.84 5.66
O1A FPP D . 3.03 -4.86 6.37
O2A FPP D . 2.40 -7.34 5.71
O3A FPP D . 0.66 -5.71 6.39
PB FPP D . -0.82 -5.70 5.69
O1B FPP D . -1.49 -4.20 6.13
O2B FPP D . -0.71 -5.72 3.99
O3B FPP D . -1.54 -6.83 6.35
CAA 7TQ E . 8.30 -1.18 12.21
OBG 7TQ E . 8.40 0.27 12.04
CBM 7TQ E . 8.41 0.67 10.72
CAS 7TQ E . 8.81 1.96 10.36
CAU 7TQ E . 8.82 2.34 9.01
CAR 7TQ E . 8.02 -0.21 9.71
CAT 7TQ E . 8.03 0.17 8.37
CBP 7TQ E . 8.42 1.44 8.00
SBW 7TQ E . 8.34 1.88 6.13
OAE 7TQ E . 8.60 0.62 5.29
OAF 7TQ E . 9.39 2.96 5.75
NBU 7TQ E . 6.75 2.48 5.58
CBB 7TQ E . 6.40 3.71 6.33
CBO 7TQ E . 5.98 3.60 7.66
CAY 7TQ E . 6.20 4.80 8.33
CBJ 7TQ E . 5.85 4.95 9.67
CAG 7TQ E . 6.08 6.23 10.30
NAC 7TQ E . 6.27 7.14 10.68
CAM 7TQ E . 5.22 3.90 10.34
CAV 7TQ E . 5.02 2.70 9.68
CBR 7TQ E . 5.42 2.51 8.32
NBT 7TQ E . 5.07 1.32 7.75
CBC 7TQ E . 4.84 0.10 8.53
CBQ 7TQ E . 3.30 0.07 8.79
CAW 7TQ E . 2.37 0.94 8.34
NBE 7TQ E . 1.17 0.54 8.77
CAX 7TQ E . 1.35 -0.56 9.48
NBV 7TQ E . 2.66 -0.87 9.50
CAB 7TQ E . 3.22 -2.06 10.21
CBD 7TQ E . 4.63 1.24 6.36
CBS 7TQ E . 5.70 1.46 5.28
CBA 7TQ E . 4.87 1.75 3.99
CBL 7TQ E . 5.68 2.26 2.98
CAO 7TQ E . 5.84 3.65 2.88
CAQ 7TQ E . 6.65 4.19 1.86
CAN 7TQ E . 6.31 1.41 2.07
CAP 7TQ E . 7.11 1.93 1.05
CBN 7TQ E . 7.26 3.32 0.95
OBH 7TQ E . 8.07 3.86 -0.02
CBI 7TQ E . 9.38 3.67 0.43
OAD 7TQ E . 10.25 3.30 -0.38
NBF 7TQ E . 9.71 3.88 1.73
CAZ 7TQ E . 11.01 3.65 2.30
CBK 7TQ E . 11.95 4.55 1.83
CAK 7TQ E . 13.09 4.10 1.20
CAI 7TQ E . 14.05 5.02 0.77
CAH 7TQ E . 13.85 6.37 0.97
CAJ 7TQ E . 12.70 6.82 1.60
CAL 7TQ E . 11.76 5.90 2.03
#